data_4EGG
#
_entry.id   4EGG
#
_cell.length_a   183.760
_cell.length_b   90.840
_cell.length_c   107.700
_cell.angle_alpha   90.000
_cell.angle_beta   125.300
_cell.angle_gamma   90.000
#
_symmetry.space_group_name_H-M   'C 1 2 1'
#
loop_
_entity.id
_entity.type
_entity.pdbx_description
1 polymer 'Putative acetyltransferase SACOL2570'
2 non-polymer GLYCEROL
3 water water
#
_entity_poly.entity_id   1
_entity_poly.type   'polypeptide(L)'
_entity_poly.pdbx_seq_one_letter_code
;MTEKEKMLAEKWYDANFDQTLINERLRAKVICFALNHTNPVATMMRKVLIDALFQTTTDNVSISIPFDTDYGWNVKLGKN
VYVNTNCYFMDGGQITIGDNVFIGPNCGFYTATHPLNFHHRNEGFEKAGPIHIGSNTWFGGHVAVLPGVTIGEGSVIGAG
SVVTKDIPPHSLAVGNPCKVVRKIDNDLPSETLNDETIKLEHHHHHH
;
_entity_poly.pdbx_strand_id   A,B,C,D,E,F
#
# COMPACT_ATOMS: atom_id res chain seq x y z
N MET A 1 -2.12 -42.59 -11.88
CA MET A 1 -1.04 -41.69 -11.51
C MET A 1 -1.58 -40.36 -10.99
N THR A 2 -0.87 -39.76 -10.04
CA THR A 2 -1.21 -38.42 -9.55
C THR A 2 -0.72 -37.43 -10.62
N GLU A 3 -0.99 -36.14 -10.45
CA GLU A 3 -0.51 -35.12 -11.39
C GLU A 3 1.01 -34.96 -11.30
N LYS A 4 1.60 -35.10 -10.09
CA LYS A 4 3.06 -35.07 -9.87
C LYS A 4 3.73 -36.26 -10.59
N GLU A 5 3.15 -37.50 -10.45
CA GLU A 5 3.61 -38.72 -11.12
C GLU A 5 3.54 -38.52 -12.65
N LYS A 6 2.40 -37.99 -13.18
CA LYS A 6 2.21 -37.64 -14.60
C LYS A 6 3.30 -36.64 -15.08
N MET A 7 3.60 -35.59 -14.29
CA MET A 7 4.67 -34.59 -14.55
C MET A 7 6.04 -35.27 -14.70
N LEU A 8 6.41 -36.16 -13.73
CA LEU A 8 7.68 -36.87 -13.73
C LEU A 8 7.84 -37.93 -14.83
N ALA A 9 6.71 -38.51 -15.31
CA ALA A 9 6.61 -39.52 -16.39
C ALA A 9 6.57 -38.87 -17.80
N GLU A 10 6.71 -37.51 -17.88
CA GLU A 10 6.69 -36.74 -19.13
C GLU A 10 5.35 -36.86 -19.86
N LYS A 11 4.26 -36.90 -19.09
CA LYS A 11 2.89 -37.00 -19.61
C LYS A 11 2.18 -35.62 -19.42
N TRP A 12 1.02 -35.44 -20.07
CA TRP A 12 0.21 -34.23 -19.89
C TRP A 12 -0.36 -34.26 -18.47
N TYR A 13 -0.17 -33.17 -17.75
CA TYR A 13 -0.62 -33.08 -16.37
C TYR A 13 -1.17 -31.69 -16.05
N ASP A 14 -2.08 -31.62 -15.07
CA ASP A 14 -2.68 -30.36 -14.64
C ASP A 14 -1.68 -29.70 -13.72
N ALA A 15 -0.78 -28.89 -14.32
CA ALA A 15 0.29 -28.14 -13.63
C ALA A 15 -0.22 -26.94 -12.85
N ASN A 16 -1.13 -26.18 -13.46
CA ASN A 16 -1.60 -24.92 -12.87
C ASN A 16 -2.66 -25.07 -11.78
N PHE A 17 -3.42 -26.20 -11.78
CA PHE A 17 -4.52 -26.42 -10.83
C PHE A 17 -4.40 -27.57 -9.85
N ASP A 18 -3.37 -28.44 -9.97
CA ASP A 18 -3.20 -29.54 -9.00
C ASP A 18 -2.65 -28.93 -7.69
N GLN A 19 -3.39 -29.16 -6.58
CA GLN A 19 -3.12 -28.63 -5.23
C GLN A 19 -1.76 -29.01 -4.66
N THR A 20 -1.36 -30.26 -4.83
CA THR A 20 -0.06 -30.79 -4.40
C THR A 20 1.08 -30.03 -5.09
N LEU A 21 1.02 -29.92 -6.45
CA LEU A 21 2.07 -29.25 -7.22
C LEU A 21 2.19 -27.76 -6.91
N ILE A 22 1.03 -27.09 -6.73
CA ILE A 22 0.86 -25.69 -6.30
C ILE A 22 1.59 -25.50 -4.97
N ASN A 23 1.36 -26.42 -4.02
CA ASN A 23 1.96 -26.39 -2.68
C ASN A 23 3.45 -26.69 -2.66
N GLU A 24 3.96 -27.52 -3.59
CA GLU A 24 5.39 -27.82 -3.71
C GLU A 24 6.10 -26.65 -4.36
N ARG A 25 5.41 -25.96 -5.26
CA ARG A 25 5.93 -24.73 -5.89
C ARG A 25 6.02 -23.60 -4.86
N LEU A 26 5.04 -23.55 -3.93
CA LEU A 26 5.01 -22.56 -2.86
C LEU A 26 6.29 -22.69 -1.98
N ARG A 27 6.69 -23.93 -1.66
CA ARG A 27 7.88 -24.24 -0.85
C ARG A 27 9.11 -23.69 -1.54
N ALA A 28 9.26 -23.95 -2.85
CA ALA A 28 10.36 -23.42 -3.63
C ALA A 28 10.33 -21.85 -3.68
N LYS A 29 9.14 -21.23 -3.81
CA LYS A 29 9.05 -19.75 -3.84
C LYS A 29 9.38 -19.13 -2.50
N VAL A 30 9.01 -19.81 -1.38
CA VAL A 30 9.29 -19.35 -0.01
C VAL A 30 10.84 -19.37 0.24
N ILE A 31 11.52 -20.46 -0.16
CA ILE A 31 12.98 -20.59 -0.01
C ILE A 31 13.70 -19.55 -0.92
N CYS A 32 13.25 -19.40 -2.17
CA CYS A 32 13.79 -18.40 -3.13
C CYS A 32 13.57 -16.98 -2.57
N PHE A 33 12.40 -16.71 -1.99
CA PHE A 33 12.14 -15.40 -1.38
C PHE A 33 13.13 -15.12 -0.23
N ALA A 34 13.35 -16.09 0.64
CA ALA A 34 14.24 -15.93 1.78
C ALA A 34 15.68 -15.68 1.29
N LEU A 35 16.12 -16.40 0.25
CA LEU A 35 17.44 -16.27 -0.35
C LEU A 35 17.64 -14.93 -1.09
N ASN A 36 16.60 -14.47 -1.79
CA ASN A 36 16.64 -13.21 -2.52
C ASN A 36 16.62 -11.99 -1.63
N HIS A 37 16.28 -12.18 -0.35
CA HIS A 37 16.24 -11.11 0.66
C HIS A 37 17.34 -11.31 1.71
N THR A 38 18.32 -12.21 1.44
CA THR A 38 19.49 -12.45 2.30
C THR A 38 20.64 -11.55 1.79
N ASN A 39 21.22 -10.75 2.69
CA ASN A 39 22.33 -9.86 2.38
C ASN A 39 23.48 -10.69 1.79
N PRO A 40 24.19 -10.21 0.74
CA PRO A 40 25.30 -11.01 0.16
C PRO A 40 26.41 -11.38 1.14
N VAL A 41 26.54 -10.61 2.24
CA VAL A 41 27.51 -10.83 3.32
C VAL A 41 27.19 -12.15 4.09
N ALA A 42 25.90 -12.57 4.16
CA ALA A 42 25.46 -13.76 4.88
C ALA A 42 25.71 -15.05 4.10
N THR A 43 27.00 -15.39 3.95
CA THR A 43 27.54 -16.54 3.23
C THR A 43 27.00 -17.90 3.65
N MET A 44 27.03 -18.18 4.95
CA MET A 44 26.56 -19.46 5.50
C MET A 44 25.05 -19.59 5.39
N MET A 45 24.31 -18.51 5.64
CA MET A 45 22.85 -18.52 5.48
C MET A 45 22.46 -18.80 4.01
N ARG A 46 23.15 -18.17 3.07
CA ARG A 46 22.93 -18.39 1.61
C ARG A 46 23.15 -19.85 1.23
N LYS A 47 24.24 -20.44 1.75
CA LYS A 47 24.62 -21.82 1.58
C LYS A 47 23.50 -22.75 2.10
N VAL A 48 22.99 -22.48 3.31
CA VAL A 48 21.92 -23.26 3.94
C VAL A 48 20.66 -23.22 3.09
N LEU A 49 20.27 -22.01 2.60
CA LEU A 49 19.10 -21.79 1.74
C LEU A 49 19.16 -22.49 0.37
N ILE A 50 20.34 -22.42 -0.30
CA ILE A 50 20.66 -23.05 -1.58
C ILE A 50 20.54 -24.57 -1.39
N ASP A 51 21.12 -25.12 -0.32
CA ASP A 51 21.07 -26.55 0.03
C ASP A 51 19.65 -27.00 0.39
N ALA A 52 18.86 -26.18 1.09
CA ALA A 52 17.46 -26.52 1.40
C ALA A 52 16.58 -26.56 0.12
N LEU A 53 16.86 -25.67 -0.86
CA LEU A 53 16.13 -25.51 -2.12
C LEU A 53 16.29 -26.71 -3.04
N PHE A 54 17.55 -27.05 -3.32
CA PHE A 54 17.97 -28.14 -4.17
C PHE A 54 17.89 -29.48 -3.51
N GLN A 55 17.66 -29.48 -2.16
CA GLN A 55 17.59 -30.68 -1.31
C GLN A 55 18.87 -31.51 -1.44
N THR A 56 20.03 -30.81 -1.44
CA THR A 56 21.33 -31.48 -1.61
C THR A 56 22.41 -30.62 -0.97
N THR A 57 23.58 -31.19 -0.67
CA THR A 57 24.71 -30.42 -0.15
C THR A 57 25.49 -30.04 -1.40
N THR A 58 25.45 -28.77 -1.79
CA THR A 58 26.12 -28.27 -2.99
C THR A 58 27.63 -28.20 -2.77
N ASP A 59 28.39 -28.35 -3.87
CA ASP A 59 29.84 -28.28 -3.89
C ASP A 59 30.22 -27.16 -4.88
N ASN A 60 30.50 -25.94 -4.37
CA ASN A 60 30.87 -24.75 -5.13
C ASN A 60 29.81 -24.35 -6.21
N VAL A 61 28.54 -24.25 -5.76
CA VAL A 61 27.40 -23.81 -6.56
C VAL A 61 27.15 -22.38 -6.12
N SER A 62 27.65 -21.39 -6.88
CA SER A 62 27.44 -19.97 -6.55
C SER A 62 26.28 -19.41 -7.35
N ILE A 63 25.35 -18.80 -6.63
CA ILE A 63 24.14 -18.22 -7.18
C ILE A 63 24.05 -16.75 -6.81
N SER A 64 23.99 -15.89 -7.82
CA SER A 64 23.87 -14.45 -7.69
C SER A 64 22.38 -14.14 -7.67
N ILE A 65 21.92 -13.42 -6.64
CA ILE A 65 20.50 -13.08 -6.50
C ILE A 65 20.01 -11.99 -7.49
N PRO A 66 18.72 -11.98 -7.94
CA PRO A 66 17.65 -12.94 -7.63
C PRO A 66 17.79 -14.24 -8.39
N PHE A 67 17.23 -15.29 -7.81
CA PHE A 67 17.20 -16.63 -8.39
C PHE A 67 15.78 -17.13 -8.33
N ASP A 68 15.39 -17.90 -9.31
CA ASP A 68 14.08 -18.51 -9.30
C ASP A 68 14.13 -19.95 -9.78
N THR A 69 13.28 -20.79 -9.19
CA THR A 69 13.07 -22.19 -9.53
C THR A 69 11.60 -22.55 -9.22
N ASP A 70 11.07 -23.61 -9.84
CA ASP A 70 9.68 -24.03 -9.61
C ASP A 70 9.57 -25.02 -8.46
N TYR A 71 10.40 -26.07 -8.46
CA TYR A 71 10.40 -27.11 -7.44
C TYR A 71 11.68 -27.15 -6.59
N GLY A 72 12.81 -26.85 -7.23
CA GLY A 72 14.12 -26.87 -6.61
C GLY A 72 14.69 -28.29 -6.60
N TRP A 73 13.93 -29.24 -6.03
CA TRP A 73 14.33 -30.63 -5.91
C TRP A 73 14.47 -31.35 -7.29
N ASN A 74 13.99 -30.71 -8.37
CA ASN A 74 14.10 -31.24 -9.73
C ASN A 74 15.27 -30.64 -10.56
N VAL A 75 16.21 -29.96 -9.89
CA VAL A 75 17.43 -29.41 -10.50
C VAL A 75 18.60 -30.28 -10.00
N LYS A 76 19.21 -31.13 -10.86
CA LYS A 76 20.35 -31.98 -10.46
C LYS A 76 21.62 -31.24 -10.80
N LEU A 77 22.47 -30.98 -9.80
CA LEU A 77 23.69 -30.19 -10.01
C LEU A 77 24.95 -30.98 -9.87
N GLY A 78 26.00 -30.49 -10.50
CA GLY A 78 27.34 -31.02 -10.40
C GLY A 78 28.14 -30.11 -9.49
N LYS A 79 29.48 -30.20 -9.53
CA LYS A 79 30.33 -29.32 -8.72
C LYS A 79 30.76 -28.14 -9.60
N ASN A 80 30.98 -26.98 -9.00
CA ASN A 80 31.44 -25.79 -9.72
C ASN A 80 30.40 -25.30 -10.77
N VAL A 81 29.28 -24.77 -10.30
CA VAL A 81 28.22 -24.23 -11.14
C VAL A 81 28.10 -22.77 -10.74
N TYR A 82 28.37 -21.87 -11.68
CA TYR A 82 28.38 -20.44 -11.45
C TYR A 82 27.19 -19.81 -12.17
N VAL A 83 26.19 -19.40 -11.38
CA VAL A 83 24.93 -18.84 -11.87
C VAL A 83 24.87 -17.34 -11.60
N ASN A 84 24.89 -16.52 -12.66
CA ASN A 84 24.80 -15.07 -12.48
C ASN A 84 23.37 -14.60 -12.20
N THR A 85 23.19 -13.30 -12.02
CA THR A 85 21.94 -12.62 -11.63
C THR A 85 20.73 -12.92 -12.51
N ASN A 86 19.56 -13.06 -11.88
CA ASN A 86 18.28 -13.26 -12.56
C ASN A 86 18.17 -14.52 -13.44
N CYS A 87 18.51 -15.65 -12.87
CA CYS A 87 18.35 -16.86 -13.61
C CYS A 87 17.12 -17.62 -13.13
N TYR A 88 16.45 -18.34 -14.05
CA TYR A 88 15.25 -19.10 -13.76
C TYR A 88 15.33 -20.54 -14.25
N PHE A 89 15.35 -21.50 -13.28
CA PHE A 89 15.34 -22.94 -13.60
C PHE A 89 13.92 -23.44 -13.42
N MET A 90 13.14 -23.46 -14.49
CA MET A 90 11.73 -23.89 -14.51
C MET A 90 11.81 -25.42 -14.67
N ASP A 91 11.78 -26.14 -13.55
CA ASP A 91 12.09 -27.56 -13.42
C ASP A 91 10.99 -28.59 -13.16
N GLY A 92 9.79 -28.38 -13.68
CA GLY A 92 8.77 -29.43 -13.70
C GLY A 92 9.33 -30.65 -14.42
N GLY A 93 10.15 -30.38 -15.44
CA GLY A 93 10.96 -31.37 -16.15
C GLY A 93 12.36 -31.27 -15.56
N GLN A 94 12.98 -32.36 -15.25
CA GLN A 94 14.31 -32.34 -14.64
C GLN A 94 15.38 -31.53 -15.39
N ILE A 95 16.10 -30.67 -14.66
CA ILE A 95 17.22 -29.91 -15.19
C ILE A 95 18.50 -30.54 -14.67
N THR A 96 19.32 -31.12 -15.57
CA THR A 96 20.58 -31.74 -15.18
C THR A 96 21.71 -30.83 -15.59
N ILE A 97 22.52 -30.43 -14.64
CA ILE A 97 23.66 -29.54 -14.87
C ILE A 97 24.89 -30.32 -14.41
N GLY A 98 25.86 -30.50 -15.30
CA GLY A 98 27.10 -31.20 -15.00
C GLY A 98 28.06 -30.41 -14.13
N ASP A 99 29.36 -30.74 -14.23
CA ASP A 99 30.38 -30.04 -13.43
C ASP A 99 31.04 -28.97 -14.28
N ASN A 100 31.43 -27.84 -13.65
CA ASN A 100 32.11 -26.71 -14.29
C ASN A 100 31.26 -26.05 -15.36
N VAL A 101 30.15 -25.44 -14.93
CA VAL A 101 29.19 -24.80 -15.81
C VAL A 101 29.07 -23.32 -15.42
N PHE A 102 29.25 -22.42 -16.39
CA PHE A 102 29.19 -20.97 -16.27
C PHE A 102 27.92 -20.50 -16.94
N ILE A 103 26.95 -19.99 -16.13
CA ILE A 103 25.65 -19.52 -16.60
C ILE A 103 25.61 -18.02 -16.38
N GLY A 104 25.55 -17.28 -17.47
CA GLY A 104 25.50 -15.83 -17.47
C GLY A 104 24.21 -15.27 -16.92
N PRO A 105 24.11 -13.92 -16.81
CA PRO A 105 22.91 -13.32 -16.21
C PRO A 105 21.69 -13.38 -17.11
N ASN A 106 20.48 -13.33 -16.53
CA ASN A 106 19.23 -13.31 -17.31
C ASN A 106 19.02 -14.53 -18.21
N CYS A 107 19.38 -15.71 -17.72
CA CYS A 107 19.22 -16.96 -18.44
C CYS A 107 18.01 -17.70 -17.91
N GLY A 108 17.26 -18.32 -18.80
CA GLY A 108 16.08 -19.09 -18.46
C GLY A 108 16.14 -20.50 -18.98
N PHE A 109 15.99 -21.49 -18.08
CA PHE A 109 15.98 -22.90 -18.47
C PHE A 109 14.54 -23.36 -18.34
N TYR A 110 13.84 -23.42 -19.47
CA TYR A 110 12.40 -23.68 -19.50
C TYR A 110 12.03 -25.09 -19.92
N THR A 111 11.36 -25.83 -19.05
CA THR A 111 10.97 -27.22 -19.34
C THR A 111 9.47 -27.35 -19.58
N ALA A 112 8.70 -26.24 -19.39
CA ALA A 112 7.24 -26.27 -19.58
C ALA A 112 6.74 -26.11 -21.01
N THR A 113 6.00 -27.12 -21.48
CA THR A 113 5.30 -27.04 -22.75
C THR A 113 3.81 -26.93 -22.44
N HIS A 114 3.14 -25.98 -23.05
CA HIS A 114 1.69 -25.84 -22.93
C HIS A 114 1.10 -26.35 -24.24
N PRO A 115 -0.17 -26.83 -24.28
CA PRO A 115 -0.74 -27.21 -25.58
C PRO A 115 -0.93 -25.99 -26.48
N LEU A 116 -0.83 -26.18 -27.81
CA LEU A 116 -1.04 -25.10 -28.77
C LEU A 116 -2.52 -24.74 -28.86
N ASN A 117 -3.40 -25.74 -28.70
CA ASN A 117 -4.86 -25.58 -28.70
C ASN A 117 -5.27 -24.90 -27.39
N PHE A 118 -5.94 -23.74 -27.47
CA PHE A 118 -6.33 -22.99 -26.26
C PHE A 118 -7.30 -23.71 -25.31
N HIS A 119 -8.15 -24.64 -25.83
CA HIS A 119 -9.12 -25.39 -24.98
C HIS A 119 -8.42 -26.27 -23.95
N HIS A 120 -7.35 -26.97 -24.39
CA HIS A 120 -6.55 -27.83 -23.51
C HIS A 120 -5.66 -27.01 -22.63
N ARG A 121 -5.05 -25.94 -23.19
CA ARG A 121 -4.16 -25.05 -22.42
C ARG A 121 -4.92 -24.35 -21.28
N ASN A 122 -6.14 -23.80 -21.56
CA ASN A 122 -6.96 -23.09 -20.56
C ASN A 122 -7.36 -23.98 -19.37
N GLU A 123 -7.32 -25.30 -19.59
CA GLU A 123 -7.59 -26.34 -18.58
C GLU A 123 -6.41 -26.57 -17.60
N GLY A 124 -5.26 -25.92 -17.85
CA GLY A 124 -4.08 -25.99 -16.99
C GLY A 124 -3.05 -27.03 -17.36
N PHE A 125 -3.35 -27.83 -18.39
CA PHE A 125 -2.46 -28.88 -18.88
C PHE A 125 -1.12 -28.43 -19.40
N GLU A 126 -0.06 -29.13 -19.02
CA GLU A 126 1.33 -28.94 -19.43
C GLU A 126 2.02 -30.31 -19.62
N LYS A 127 3.15 -30.28 -20.30
CA LYS A 127 4.02 -31.44 -20.48
C LYS A 127 5.42 -30.95 -20.17
N ALA A 128 6.15 -31.69 -19.34
CA ALA A 128 7.51 -31.36 -18.95
C ALA A 128 8.56 -32.02 -19.87
N GLY A 129 9.49 -31.22 -20.35
CA GLY A 129 10.56 -31.69 -21.23
C GLY A 129 11.88 -31.45 -20.55
N PRO A 130 12.50 -32.50 -19.95
CA PRO A 130 13.79 -32.31 -19.23
C PRO A 130 14.87 -31.63 -20.05
N ILE A 131 15.78 -30.93 -19.38
CA ILE A 131 16.91 -30.28 -20.03
C ILE A 131 18.23 -30.82 -19.50
N HIS A 132 19.15 -31.12 -20.41
CA HIS A 132 20.45 -31.69 -20.05
C HIS A 132 21.58 -30.75 -20.42
N ILE A 133 22.25 -30.18 -19.40
CA ILE A 133 23.35 -29.24 -19.59
C ILE A 133 24.62 -30.02 -19.28
N GLY A 134 25.40 -30.33 -20.32
CA GLY A 134 26.65 -31.08 -20.15
C GLY A 134 27.66 -30.34 -19.28
N SER A 135 28.61 -31.10 -18.73
CA SER A 135 29.72 -30.58 -17.93
C SER A 135 30.61 -29.71 -18.83
N ASN A 136 31.38 -28.78 -18.24
CA ASN A 136 32.33 -27.92 -18.95
C ASN A 136 31.70 -27.04 -20.03
N THR A 137 30.58 -26.36 -19.71
CA THR A 137 29.87 -25.51 -20.67
C THR A 137 29.86 -24.05 -20.26
N TRP A 138 29.59 -23.14 -21.21
CA TRP A 138 29.52 -21.72 -20.91
C TRP A 138 28.34 -21.10 -21.62
N PHE A 139 27.47 -20.42 -20.85
CA PHE A 139 26.27 -19.72 -21.35
C PHE A 139 26.49 -18.24 -21.21
N GLY A 140 26.30 -17.49 -22.30
CA GLY A 140 26.39 -16.03 -22.26
C GLY A 140 25.14 -15.49 -21.57
N GLY A 141 25.04 -14.18 -21.38
CA GLY A 141 23.86 -13.62 -20.73
C GLY A 141 22.68 -13.55 -21.69
N HIS A 142 21.44 -13.42 -21.17
CA HIS A 142 20.21 -13.30 -21.99
C HIS A 142 19.87 -14.54 -22.86
N VAL A 143 20.30 -15.73 -22.42
CA VAL A 143 20.04 -16.98 -23.12
C VAL A 143 18.73 -17.63 -22.64
N ALA A 144 17.96 -18.19 -23.56
CA ALA A 144 16.78 -18.99 -23.21
C ALA A 144 17.04 -20.41 -23.75
N VAL A 145 16.98 -21.42 -22.88
CA VAL A 145 17.11 -22.83 -23.28
C VAL A 145 15.68 -23.36 -23.19
N LEU A 146 15.20 -24.01 -24.27
CA LEU A 146 13.81 -24.50 -24.37
C LEU A 146 13.61 -25.98 -23.94
N PRO A 147 12.33 -26.46 -23.74
CA PRO A 147 12.13 -27.88 -23.31
C PRO A 147 12.75 -28.96 -24.19
N GLY A 148 13.19 -30.05 -23.55
CA GLY A 148 13.77 -31.26 -24.13
C GLY A 148 15.15 -31.15 -24.73
N VAL A 149 15.79 -30.00 -24.58
CA VAL A 149 17.10 -29.68 -25.19
C VAL A 149 18.28 -30.27 -24.39
N THR A 150 19.29 -30.81 -25.11
CA THR A 150 20.55 -31.26 -24.56
C THR A 150 21.65 -30.37 -25.14
N ILE A 151 22.50 -29.80 -24.28
CA ILE A 151 23.65 -29.02 -24.69
C ILE A 151 24.82 -29.91 -24.38
N GLY A 152 25.54 -30.33 -25.43
CA GLY A 152 26.69 -31.21 -25.30
C GLY A 152 27.78 -30.67 -24.40
N GLU A 153 28.56 -31.57 -23.79
CA GLU A 153 29.66 -31.20 -22.89
C GLU A 153 30.79 -30.51 -23.65
N GLY A 154 31.32 -29.44 -23.08
CA GLY A 154 32.38 -28.63 -23.67
C GLY A 154 31.87 -27.57 -24.61
N SER A 155 30.55 -27.35 -24.65
CA SER A 155 29.94 -26.38 -25.55
C SER A 155 29.82 -24.97 -25.02
N VAL A 156 29.77 -23.98 -25.93
CA VAL A 156 29.64 -22.56 -25.58
C VAL A 156 28.41 -21.97 -26.28
N ILE A 157 27.50 -21.37 -25.50
CA ILE A 157 26.29 -20.74 -26.02
C ILE A 157 26.46 -19.23 -25.95
N GLY A 158 26.44 -18.57 -27.12
CA GLY A 158 26.59 -17.12 -27.26
C GLY A 158 25.48 -16.36 -26.57
N ALA A 159 25.74 -15.10 -26.17
CA ALA A 159 24.72 -14.26 -25.50
C ALA A 159 23.49 -14.00 -26.40
N GLY A 160 22.29 -14.03 -25.82
CA GLY A 160 21.04 -13.79 -26.54
C GLY A 160 20.49 -14.96 -27.34
N SER A 161 21.13 -16.13 -27.23
CA SER A 161 20.70 -17.31 -27.98
C SER A 161 19.36 -17.86 -27.50
N VAL A 162 18.60 -18.46 -28.41
CA VAL A 162 17.35 -19.13 -28.10
C VAL A 162 17.57 -20.56 -28.52
N VAL A 163 17.91 -21.40 -27.53
CA VAL A 163 18.26 -22.80 -27.78
C VAL A 163 16.97 -23.65 -27.92
N THR A 164 16.55 -23.83 -29.16
CA THR A 164 15.35 -24.57 -29.56
C THR A 164 15.68 -26.06 -29.82
N LYS A 165 16.92 -26.35 -30.24
CA LYS A 165 17.35 -27.70 -30.62
C LYS A 165 18.67 -28.06 -29.99
N ASP A 166 18.95 -29.38 -29.87
CA ASP A 166 20.16 -29.94 -29.30
C ASP A 166 21.44 -29.33 -29.86
N ILE A 167 22.43 -29.09 -28.98
CA ILE A 167 23.75 -28.57 -29.38
C ILE A 167 24.76 -29.72 -29.20
N PRO A 168 25.53 -30.13 -30.24
CA PRO A 168 26.48 -31.25 -30.05
C PRO A 168 27.58 -30.88 -29.05
N PRO A 169 28.36 -31.85 -28.51
CA PRO A 169 29.45 -31.49 -27.57
C PRO A 169 30.58 -30.75 -28.27
N HIS A 170 31.38 -29.96 -27.51
CA HIS A 170 32.54 -29.21 -28.00
C HIS A 170 32.21 -28.28 -29.18
N SER A 171 31.06 -27.58 -29.11
CA SER A 171 30.60 -26.70 -30.19
C SER A 171 30.30 -25.28 -29.72
N LEU A 172 30.62 -24.29 -30.57
CA LEU A 172 30.31 -22.88 -30.33
C LEU A 172 29.00 -22.64 -31.07
N ALA A 173 27.91 -22.29 -30.34
CA ALA A 173 26.59 -22.07 -30.96
C ALA A 173 25.99 -20.74 -30.52
N VAL A 174 25.51 -19.93 -31.51
CA VAL A 174 24.95 -18.59 -31.25
C VAL A 174 23.65 -18.36 -32.08
N GLY A 175 22.80 -17.42 -31.64
CA GLY A 175 21.60 -16.97 -32.36
C GLY A 175 20.22 -17.33 -31.87
N ASN A 176 19.21 -16.73 -32.49
CA ASN A 176 17.79 -17.01 -32.27
C ASN A 176 17.23 -17.40 -33.69
N PRO A 177 17.09 -18.70 -34.03
CA PRO A 177 17.40 -19.90 -33.22
C PRO A 177 18.90 -20.17 -33.11
N CYS A 178 19.30 -20.84 -32.04
CA CYS A 178 20.71 -21.14 -31.80
C CYS A 178 21.22 -22.15 -32.81
N LYS A 179 22.32 -21.80 -33.50
CA LYS A 179 22.99 -22.63 -34.51
C LYS A 179 24.49 -22.67 -34.27
N VAL A 180 25.10 -23.86 -34.55
CA VAL A 180 26.54 -24.13 -34.39
C VAL A 180 27.35 -23.26 -35.37
N VAL A 181 28.41 -22.60 -34.85
CA VAL A 181 29.30 -21.70 -35.59
C VAL A 181 30.55 -22.49 -36.02
N ARG A 182 31.15 -23.21 -35.05
CA ARG A 182 32.35 -24.03 -35.25
C ARG A 182 32.57 -24.93 -34.05
N LYS A 183 33.44 -25.95 -34.20
CA LYS A 183 33.81 -26.84 -33.10
C LYS A 183 34.87 -26.15 -32.25
N ILE A 184 35.04 -26.56 -30.98
CA ILE A 184 35.97 -25.94 -30.06
C ILE A 184 37.14 -26.85 -29.78
N ASP A 185 38.36 -26.29 -29.79
CA ASP A 185 39.56 -27.05 -29.46
C ASP A 185 39.60 -27.09 -27.93
N ASN A 186 39.23 -28.25 -27.36
CA ASN A 186 39.18 -28.51 -25.92
C ASN A 186 40.32 -29.42 -25.42
N ASP A 187 41.47 -29.44 -26.15
CA ASP A 187 42.67 -30.18 -25.75
C ASP A 187 43.35 -29.47 -24.56
N LEU A 188 44.06 -30.24 -23.70
CA LEU A 188 44.74 -29.76 -22.49
C LEU A 188 45.65 -28.53 -22.68
N MET B 1 -4.50 20.99 -23.01
CA MET B 1 -4.30 19.61 -22.59
C MET B 1 -3.10 19.44 -21.64
N THR B 2 -3.27 18.65 -20.55
CA THR B 2 -2.16 18.34 -19.64
C THR B 2 -1.30 17.27 -20.35
N GLU B 3 -0.10 17.00 -19.83
CA GLU B 3 0.78 15.97 -20.38
C GLU B 3 0.17 14.55 -20.22
N LYS B 4 -0.67 14.32 -19.16
CA LYS B 4 -1.38 13.04 -18.95
C LYS B 4 -2.47 12.90 -20.02
N GLU B 5 -3.20 14.00 -20.33
CA GLU B 5 -4.25 14.05 -21.37
C GLU B 5 -3.69 13.78 -22.76
N LYS B 6 -2.48 14.30 -23.07
CA LYS B 6 -1.75 14.07 -24.33
C LYS B 6 -1.33 12.62 -24.44
N MET B 7 -0.81 12.04 -23.32
CA MET B 7 -0.38 10.63 -23.22
C MET B 7 -1.54 9.69 -23.58
N LEU B 8 -2.70 9.92 -22.97
CA LEU B 8 -3.91 9.14 -23.18
C LEU B 8 -4.53 9.33 -24.58
N ALA B 9 -4.36 10.54 -25.19
CA ALA B 9 -4.85 10.86 -26.54
C ALA B 9 -3.90 10.39 -27.64
N GLU B 10 -2.79 9.71 -27.27
CA GLU B 10 -1.76 9.17 -28.19
C GLU B 10 -0.99 10.25 -28.95
N LYS B 11 -0.77 11.39 -28.30
CA LYS B 11 -0.03 12.55 -28.81
C LYS B 11 1.37 12.58 -28.12
N TRP B 12 2.36 13.31 -28.70
CA TRP B 12 3.68 13.48 -28.07
C TRP B 12 3.50 14.26 -26.75
N TYR B 13 4.16 13.81 -25.67
CA TYR B 13 4.03 14.42 -24.35
C TYR B 13 5.34 14.28 -23.57
N ASP B 14 5.53 15.15 -22.56
CA ASP B 14 6.69 15.09 -21.67
C ASP B 14 6.44 14.03 -20.58
N ALA B 15 6.89 12.80 -20.83
CA ALA B 15 6.74 11.68 -19.92
C ALA B 15 7.72 11.78 -18.75
N ASN B 16 8.97 12.10 -19.07
CA ASN B 16 10.09 12.13 -18.14
C ASN B 16 10.11 13.28 -17.15
N PHE B 17 9.59 14.45 -17.51
CA PHE B 17 9.68 15.64 -16.65
C PHE B 17 8.36 16.25 -16.12
N ASP B 18 7.18 15.72 -16.54
CA ASP B 18 5.91 16.22 -15.98
C ASP B 18 5.73 15.67 -14.55
N GLN B 19 5.59 16.57 -13.56
CA GLN B 19 5.43 16.21 -12.13
C GLN B 19 4.26 15.27 -11.87
N THR B 20 3.07 15.53 -12.46
CA THR B 20 1.89 14.65 -12.29
C THR B 20 2.18 13.22 -12.72
N LEU B 21 2.82 13.03 -13.90
CA LEU B 21 3.15 11.71 -14.43
C LEU B 21 4.23 11.01 -13.62
N ILE B 22 5.28 11.75 -13.18
CA ILE B 22 6.36 11.27 -12.31
C ILE B 22 5.72 10.77 -10.99
N ASN B 23 4.70 11.50 -10.48
CA ASN B 23 4.02 11.15 -9.23
C ASN B 23 3.06 9.99 -9.36
N GLU B 24 2.40 9.85 -10.52
CA GLU B 24 1.51 8.71 -10.77
C GLU B 24 2.32 7.43 -10.96
N ARG B 25 3.55 7.56 -11.49
CA ARG B 25 4.47 6.44 -11.67
C ARG B 25 5.01 6.01 -10.30
N LEU B 26 5.25 6.97 -9.41
CA LEU B 26 5.71 6.72 -8.04
C LEU B 26 4.73 5.82 -7.27
N ARG B 27 3.42 6.10 -7.37
CA ARG B 27 2.35 5.34 -6.74
C ARG B 27 2.40 3.89 -7.21
N ALA B 28 2.52 3.65 -8.55
CA ALA B 28 2.65 2.30 -9.06
C ALA B 28 3.95 1.63 -8.55
N LYS B 29 5.08 2.36 -8.51
CA LYS B 29 6.38 1.85 -8.04
C LYS B 29 6.35 1.44 -6.56
N VAL B 30 5.63 2.22 -5.72
CA VAL B 30 5.43 1.97 -4.30
C VAL B 30 4.60 0.68 -4.10
N ILE B 31 3.48 0.52 -4.84
CA ILE B 31 2.62 -0.69 -4.75
C ILE B 31 3.39 -1.93 -5.25
N CYS B 32 4.14 -1.81 -6.37
CA CYS B 32 4.99 -2.87 -6.89
C CYS B 32 6.07 -3.26 -5.87
N PHE B 33 6.66 -2.30 -5.17
CA PHE B 33 7.68 -2.55 -4.15
C PHE B 33 7.06 -3.34 -3.00
N ALA B 34 5.86 -2.95 -2.53
CA ALA B 34 5.15 -3.67 -1.47
C ALA B 34 4.85 -5.12 -1.93
N LEU B 35 4.37 -5.30 -3.17
CA LEU B 35 4.08 -6.62 -3.75
C LEU B 35 5.31 -7.49 -3.86
N ASN B 36 6.41 -6.93 -4.35
CA ASN B 36 7.68 -7.62 -4.53
C ASN B 36 8.36 -8.05 -3.24
N HIS B 37 7.97 -7.43 -2.11
CA HIS B 37 8.50 -7.73 -0.78
C HIS B 37 7.47 -8.42 0.10
N THR B 38 6.40 -8.97 -0.48
CA THR B 38 5.37 -9.73 0.25
C THR B 38 5.68 -11.22 0.02
N ASN B 39 5.84 -11.96 1.12
CA ASN B 39 6.10 -13.39 1.12
C ASN B 39 5.02 -14.10 0.27
N PRO B 40 5.42 -15.10 -0.58
CA PRO B 40 4.41 -15.85 -1.38
C PRO B 40 3.27 -16.49 -0.58
N VAL B 41 3.49 -16.75 0.69
CA VAL B 41 2.51 -17.32 1.62
C VAL B 41 1.36 -16.34 1.88
N ALA B 42 1.62 -15.00 1.83
CA ALA B 42 0.63 -13.96 2.12
C ALA B 42 -0.33 -13.69 0.92
N THR B 43 -1.15 -14.69 0.61
CA THR B 43 -2.13 -14.79 -0.49
C THR B 43 -3.13 -13.65 -0.55
N MET B 44 -3.79 -13.35 0.60
CA MET B 44 -4.78 -12.31 0.68
C MET B 44 -4.14 -10.92 0.50
N MET B 45 -2.97 -10.69 1.09
CA MET B 45 -2.22 -9.42 0.98
C MET B 45 -1.80 -9.19 -0.48
N ARG B 46 -1.30 -10.23 -1.16
CA ARG B 46 -0.92 -10.16 -2.58
C ARG B 46 -2.12 -9.76 -3.47
N LYS B 47 -3.30 -10.34 -3.17
CA LYS B 47 -4.53 -10.08 -3.89
C LYS B 47 -4.96 -8.63 -3.71
N VAL B 48 -4.86 -8.13 -2.47
CA VAL B 48 -5.19 -6.74 -2.13
C VAL B 48 -4.24 -5.79 -2.89
N LEU B 49 -2.93 -6.12 -2.96
CA LEU B 49 -1.94 -5.26 -3.64
C LEU B 49 -2.11 -5.21 -5.16
N ILE B 50 -2.39 -6.37 -5.74
CA ILE B 50 -2.64 -6.49 -7.16
C ILE B 50 -3.88 -5.69 -7.54
N ASP B 51 -4.91 -5.78 -6.71
CA ASP B 51 -6.15 -5.03 -6.91
C ASP B 51 -5.97 -3.53 -6.73
N ALA B 52 -5.12 -3.10 -5.80
CA ALA B 52 -4.83 -1.68 -5.56
C ALA B 52 -4.02 -1.12 -6.77
N LEU B 53 -3.10 -1.93 -7.30
CA LEU B 53 -2.25 -1.60 -8.45
C LEU B 53 -3.06 -1.36 -9.77
N PHE B 54 -3.90 -2.33 -10.13
CA PHE B 54 -4.72 -2.26 -11.32
C PHE B 54 -6.01 -1.45 -11.15
N GLN B 55 -6.31 -1.06 -9.88
CA GLN B 55 -7.51 -0.29 -9.51
C GLN B 55 -8.77 -1.04 -9.97
N THR B 56 -8.85 -2.34 -9.67
CA THR B 56 -9.94 -3.24 -10.06
C THR B 56 -9.89 -4.50 -9.22
N THR B 57 -11.01 -5.22 -9.10
CA THR B 57 -11.04 -6.51 -8.41
C THR B 57 -10.72 -7.53 -9.48
N THR B 58 -9.52 -8.11 -9.44
CA THR B 58 -9.09 -9.10 -10.43
C THR B 58 -9.80 -10.44 -10.23
N ASP B 59 -9.94 -11.19 -11.34
CA ASP B 59 -10.57 -12.51 -11.37
C ASP B 59 -9.53 -13.50 -11.85
N ASN B 60 -8.84 -14.17 -10.90
CA ASN B 60 -7.79 -15.17 -11.12
C ASN B 60 -6.62 -14.63 -11.97
N VAL B 61 -6.06 -13.51 -11.52
CA VAL B 61 -4.89 -12.90 -12.18
C VAL B 61 -3.69 -13.29 -11.28
N SER B 62 -2.87 -14.25 -11.74
CA SER B 62 -1.72 -14.72 -10.95
C SER B 62 -0.49 -13.99 -11.42
N ILE B 63 0.23 -13.45 -10.44
CA ILE B 63 1.45 -12.71 -10.73
C ILE B 63 2.58 -13.25 -9.89
N SER B 64 3.63 -13.74 -10.54
CA SER B 64 4.84 -14.25 -9.93
C SER B 64 5.80 -13.07 -9.77
N ILE B 65 6.28 -12.83 -8.57
CA ILE B 65 7.19 -11.70 -8.29
C ILE B 65 8.63 -11.92 -8.81
N PRO B 66 9.39 -10.86 -9.18
CA PRO B 66 8.98 -9.44 -9.23
C PRO B 66 8.11 -9.09 -10.43
N PHE B 67 7.32 -8.05 -10.26
CA PHE B 67 6.44 -7.48 -11.27
C PHE B 67 6.66 -5.99 -11.35
N ASP B 68 6.64 -5.44 -12.55
CA ASP B 68 6.80 -4.03 -12.75
C ASP B 68 5.71 -3.50 -13.71
N THR B 69 5.28 -2.27 -13.44
CA THR B 69 4.30 -1.52 -14.22
C THR B 69 4.56 -0.05 -13.99
N ASP B 70 4.22 0.78 -14.97
CA ASP B 70 4.39 2.20 -14.86
C ASP B 70 3.24 2.91 -14.16
N TYR B 71 1.97 2.61 -14.51
CA TYR B 71 0.78 3.26 -13.95
C TYR B 71 -0.15 2.28 -13.24
N GLY B 72 -0.28 1.10 -13.79
CA GLY B 72 -1.11 0.05 -13.23
C GLY B 72 -2.55 0.18 -13.66
N TRP B 73 -3.14 1.37 -13.51
CA TRP B 73 -4.52 1.65 -13.88
C TRP B 73 -4.73 1.64 -15.42
N ASN B 74 -3.62 1.66 -16.22
CA ASN B 74 -3.69 1.60 -17.67
C ASN B 74 -3.45 0.20 -18.22
N VAL B 75 -3.54 -0.81 -17.35
CA VAL B 75 -3.50 -2.21 -17.72
C VAL B 75 -4.93 -2.72 -17.55
N LYS B 76 -5.59 -3.08 -18.67
CA LYS B 76 -6.96 -3.60 -18.64
C LYS B 76 -6.88 -5.12 -18.76
N LEU B 77 -7.33 -5.84 -17.74
CA LEU B 77 -7.21 -7.28 -17.64
C LEU B 77 -8.53 -8.05 -17.76
N GLY B 78 -8.43 -9.24 -18.32
CA GLY B 78 -9.53 -10.19 -18.39
C GLY B 78 -9.41 -11.13 -17.21
N LYS B 79 -10.23 -12.19 -17.17
CA LYS B 79 -10.11 -13.19 -16.10
C LYS B 79 -9.06 -14.22 -16.52
N ASN B 80 -8.48 -14.96 -15.55
CA ASN B 80 -7.48 -16.02 -15.80
C ASN B 80 -6.23 -15.56 -16.58
N VAL B 81 -5.45 -14.67 -16.00
CA VAL B 81 -4.22 -14.14 -16.62
C VAL B 81 -3.05 -14.62 -15.75
N TYR B 82 -2.17 -15.41 -16.36
CA TYR B 82 -1.05 -16.03 -15.65
C TYR B 82 0.26 -15.40 -16.07
N VAL B 83 0.83 -14.63 -15.16
CA VAL B 83 2.05 -13.85 -15.38
C VAL B 83 3.20 -14.45 -14.59
N ASN B 84 4.20 -14.99 -15.30
CA ASN B 84 5.37 -15.53 -14.63
C ASN B 84 6.35 -14.43 -14.17
N THR B 85 7.47 -14.82 -13.56
CA THR B 85 8.48 -13.96 -12.95
C THR B 85 9.09 -12.93 -13.85
N ASN B 86 9.35 -11.75 -13.31
CA ASN B 86 10.02 -10.67 -14.00
C ASN B 86 9.35 -10.08 -15.26
N CYS B 87 8.04 -9.79 -15.16
CA CYS B 87 7.35 -9.15 -16.25
C CYS B 87 7.15 -7.67 -15.99
N TYR B 88 7.16 -6.89 -17.09
CA TYR B 88 7.04 -5.45 -17.06
C TYR B 88 5.99 -5.01 -18.08
N PHE B 89 4.89 -4.42 -17.56
CA PHE B 89 3.82 -3.85 -18.38
C PHE B 89 4.03 -2.32 -18.35
N MET B 90 4.84 -1.81 -19.30
CA MET B 90 5.14 -0.37 -19.47
C MET B 90 3.88 0.20 -20.13
N ASP B 91 2.92 0.65 -19.30
CA ASP B 91 1.57 1.08 -19.66
C ASP B 91 1.20 2.56 -19.84
N GLY B 92 2.13 3.40 -20.32
CA GLY B 92 1.79 4.78 -20.71
C GLY B 92 0.68 4.74 -21.76
N GLY B 93 0.80 3.77 -22.69
CA GLY B 93 -0.22 3.43 -23.67
C GLY B 93 -0.97 2.25 -23.08
N GLN B 94 -2.30 2.29 -23.11
CA GLN B 94 -3.14 1.22 -22.54
C GLN B 94 -2.70 -0.18 -23.00
N ILE B 95 -2.59 -1.12 -22.04
CA ILE B 95 -2.26 -2.52 -22.35
C ILE B 95 -3.53 -3.30 -22.07
N THR B 96 -4.19 -3.80 -23.12
CA THR B 96 -5.43 -4.56 -23.00
C THR B 96 -5.11 -6.04 -23.10
N ILE B 97 -5.45 -6.80 -22.06
CA ILE B 97 -5.20 -8.24 -22.02
C ILE B 97 -6.56 -8.94 -21.89
N GLY B 98 -6.83 -9.88 -22.78
CA GLY B 98 -8.08 -10.64 -22.75
C GLY B 98 -8.12 -11.68 -21.62
N ASP B 99 -9.03 -12.66 -21.77
CA ASP B 99 -9.20 -13.77 -20.84
C ASP B 99 -8.33 -14.93 -21.25
N ASN B 100 -7.87 -15.72 -20.26
CA ASN B 100 -7.08 -16.93 -20.48
C ASN B 100 -5.78 -16.67 -21.24
N VAL B 101 -4.88 -15.91 -20.61
CA VAL B 101 -3.61 -15.49 -21.20
C VAL B 101 -2.43 -15.99 -20.33
N PHE B 102 -1.49 -16.69 -20.95
CA PHE B 102 -0.30 -17.27 -20.32
C PHE B 102 0.89 -16.45 -20.78
N ILE B 103 1.51 -15.75 -19.81
CA ILE B 103 2.65 -14.87 -20.06
C ILE B 103 3.84 -15.48 -19.34
N GLY B 104 4.83 -15.89 -20.10
CA GLY B 104 6.04 -16.51 -19.60
C GLY B 104 6.92 -15.56 -18.83
N PRO B 105 8.03 -16.07 -18.29
CA PRO B 105 8.91 -15.20 -17.48
C PRO B 105 9.74 -14.25 -18.33
N ASN B 106 10.16 -13.11 -17.76
CA ASN B 106 11.03 -12.14 -18.44
C ASN B 106 10.43 -11.55 -19.70
N CYS B 107 9.12 -11.26 -19.68
CA CYS B 107 8.41 -10.65 -20.80
C CYS B 107 8.22 -9.17 -20.54
N GLY B 108 8.36 -8.36 -21.59
CA GLY B 108 8.16 -6.92 -21.54
C GLY B 108 7.13 -6.48 -22.55
N PHE B 109 6.13 -5.72 -22.10
CA PHE B 109 5.11 -5.17 -22.97
C PHE B 109 5.35 -3.66 -22.93
N TYR B 110 6.03 -3.15 -23.96
CA TYR B 110 6.48 -1.76 -24.04
C TYR B 110 5.62 -0.89 -24.94
N THR B 111 5.04 0.20 -24.39
CA THR B 111 4.19 1.08 -25.15
C THR B 111 4.86 2.42 -25.41
N ALA B 112 6.09 2.60 -24.93
CA ALA B 112 6.77 3.88 -25.08
C ALA B 112 7.67 3.97 -26.28
N THR B 113 7.43 5.00 -27.09
CA THR B 113 8.25 5.33 -28.23
C THR B 113 8.90 6.67 -27.91
N HIS B 114 10.21 6.75 -28.10
CA HIS B 114 10.97 7.99 -27.95
C HIS B 114 11.27 8.52 -29.36
N PRO B 115 11.48 9.83 -29.56
CA PRO B 115 11.88 10.31 -30.89
C PRO B 115 13.27 9.77 -31.27
N LEU B 116 13.51 9.59 -32.57
CA LEU B 116 14.81 9.10 -33.07
C LEU B 116 15.87 10.19 -32.95
N ASN B 117 15.45 11.45 -33.16
CA ASN B 117 16.28 12.65 -33.06
C ASN B 117 16.56 12.91 -31.57
N PHE B 118 17.86 12.98 -31.20
CA PHE B 118 18.25 13.19 -29.80
C PHE B 118 17.80 14.50 -29.17
N HIS B 119 17.61 15.56 -29.98
CA HIS B 119 17.18 16.87 -29.47
C HIS B 119 15.80 16.80 -28.83
N HIS B 120 14.84 16.15 -29.51
CA HIS B 120 13.48 15.97 -29.01
C HIS B 120 13.43 14.94 -27.89
N ARG B 121 14.24 13.87 -27.99
CA ARG B 121 14.30 12.80 -26.99
C ARG B 121 14.87 13.30 -25.65
N ASN B 122 15.95 14.09 -25.69
CA ASN B 122 16.58 14.66 -24.50
C ASN B 122 15.66 15.64 -23.74
N GLU B 123 14.63 16.16 -24.43
CA GLU B 123 13.62 17.08 -23.87
C GLU B 123 12.57 16.32 -23.03
N GLY B 124 12.59 14.99 -23.12
CA GLY B 124 11.71 14.08 -22.38
C GLY B 124 10.47 13.59 -23.12
N PHE B 125 10.32 13.95 -24.40
CA PHE B 125 9.17 13.58 -25.22
C PHE B 125 9.03 12.10 -25.52
N GLU B 126 7.78 11.63 -25.51
CA GLU B 126 7.39 10.25 -25.78
C GLU B 126 6.01 10.21 -26.41
N LYS B 127 5.72 9.12 -27.13
CA LYS B 127 4.40 8.88 -27.69
C LYS B 127 3.99 7.47 -27.25
N ALA B 128 2.81 7.34 -26.64
CA ALA B 128 2.30 6.08 -26.14
C ALA B 128 1.55 5.29 -27.23
N GLY B 129 1.99 4.06 -27.46
CA GLY B 129 1.43 3.15 -28.44
C GLY B 129 0.75 1.97 -27.74
N PRO B 130 -0.59 2.00 -27.59
CA PRO B 130 -1.30 0.92 -26.89
C PRO B 130 -1.07 -0.48 -27.46
N ILE B 131 -1.04 -1.48 -26.56
CA ILE B 131 -0.84 -2.91 -26.91
C ILE B 131 -2.14 -3.67 -26.66
N HIS B 132 -2.58 -4.46 -27.62
CA HIS B 132 -3.78 -5.29 -27.50
C HIS B 132 -3.42 -6.77 -27.52
N ILE B 133 -3.59 -7.43 -26.37
CA ILE B 133 -3.30 -8.87 -26.27
C ILE B 133 -4.66 -9.56 -26.28
N GLY B 134 -4.90 -10.33 -27.33
CA GLY B 134 -6.15 -11.08 -27.47
C GLY B 134 -6.32 -12.16 -26.42
N SER B 135 -7.57 -12.61 -26.23
CA SER B 135 -7.89 -13.68 -25.30
C SER B 135 -7.30 -14.99 -25.84
N ASN B 136 -7.12 -16.01 -24.97
CA ASN B 136 -6.65 -17.33 -25.37
C ASN B 136 -5.25 -17.37 -26.03
N THR B 137 -4.33 -16.53 -25.56
CA THR B 137 -2.96 -16.43 -26.11
C THR B 137 -1.90 -17.04 -25.16
N TRP B 138 -0.72 -17.36 -25.71
CA TRP B 138 0.38 -17.92 -24.94
C TRP B 138 1.68 -17.28 -25.37
N PHE B 139 2.42 -16.69 -24.39
CA PHE B 139 3.70 -16.04 -24.62
C PHE B 139 4.78 -16.88 -23.96
N GLY B 140 5.83 -17.25 -24.71
CA GLY B 140 6.97 -17.98 -24.15
C GLY B 140 7.77 -16.99 -23.30
N GLY B 141 8.82 -17.45 -22.62
CA GLY B 141 9.64 -16.55 -21.83
C GLY B 141 10.54 -15.69 -22.71
N HIS B 142 11.11 -14.60 -22.17
CA HIS B 142 12.05 -13.69 -22.87
C HIS B 142 11.44 -12.96 -24.10
N VAL B 143 10.12 -12.75 -24.12
CA VAL B 143 9.41 -12.08 -25.19
C VAL B 143 9.31 -10.55 -24.94
N ALA B 144 9.54 -9.75 -26.00
CA ALA B 144 9.37 -8.31 -25.92
C ALA B 144 8.31 -7.92 -26.93
N VAL B 145 7.21 -7.28 -26.46
CA VAL B 145 6.15 -6.79 -27.35
C VAL B 145 6.34 -5.26 -27.43
N LEU B 146 6.45 -4.75 -28.66
CA LEU B 146 6.73 -3.34 -28.99
C LEU B 146 5.49 -2.43 -29.11
N PRO B 147 5.63 -1.07 -29.07
CA PRO B 147 4.44 -0.19 -29.10
C PRO B 147 3.52 -0.32 -30.30
N GLY B 148 2.21 -0.22 -30.06
CA GLY B 148 1.18 -0.27 -31.09
C GLY B 148 0.78 -1.64 -31.59
N VAL B 149 1.48 -2.70 -31.14
CA VAL B 149 1.27 -4.09 -31.57
C VAL B 149 -0.04 -4.70 -31.05
N THR B 150 -0.70 -5.50 -31.89
CA THR B 150 -1.90 -6.28 -31.59
C THR B 150 -1.61 -7.77 -31.84
N ILE B 151 -1.80 -8.61 -30.78
CA ILE B 151 -1.61 -10.06 -30.91
C ILE B 151 -3.01 -10.64 -30.89
N GLY B 152 -3.43 -11.19 -32.04
CA GLY B 152 -4.75 -11.77 -32.23
C GLY B 152 -5.06 -12.90 -31.28
N GLU B 153 -6.35 -13.07 -30.96
CA GLU B 153 -6.81 -14.14 -30.07
C GLU B 153 -6.49 -15.54 -30.60
N GLY B 154 -6.12 -16.44 -29.67
CA GLY B 154 -5.76 -17.81 -30.00
C GLY B 154 -4.33 -18.02 -30.47
N SER B 155 -3.52 -16.94 -30.48
CA SER B 155 -2.14 -16.95 -30.96
C SER B 155 -1.10 -17.39 -29.94
N VAL B 156 0.02 -17.92 -30.42
CA VAL B 156 1.13 -18.40 -29.61
C VAL B 156 2.41 -17.70 -30.03
N ILE B 157 3.08 -17.05 -29.08
CA ILE B 157 4.34 -16.34 -29.33
C ILE B 157 5.48 -17.16 -28.73
N GLY B 158 6.41 -17.59 -29.59
CA GLY B 158 7.57 -18.37 -29.21
C GLY B 158 8.50 -17.65 -28.28
N ALA B 159 9.30 -18.40 -27.48
CA ALA B 159 10.25 -17.79 -26.54
C ALA B 159 11.35 -17.00 -27.28
N GLY B 160 11.72 -15.84 -26.73
CA GLY B 160 12.75 -14.98 -27.31
C GLY B 160 12.29 -14.09 -28.45
N SER B 161 10.97 -14.06 -28.72
CA SER B 161 10.44 -13.25 -29.81
C SER B 161 10.44 -11.76 -29.48
N VAL B 162 10.66 -10.94 -30.53
CA VAL B 162 10.62 -9.48 -30.45
C VAL B 162 9.48 -9.13 -31.40
N VAL B 163 8.29 -8.88 -30.83
CA VAL B 163 7.07 -8.61 -31.59
C VAL B 163 7.03 -7.14 -32.01
N THR B 164 7.49 -6.87 -33.23
CA THR B 164 7.58 -5.53 -33.83
C THR B 164 6.31 -5.14 -34.58
N LYS B 165 5.58 -6.13 -35.12
CA LYS B 165 4.38 -5.93 -35.92
C LYS B 165 3.22 -6.83 -35.43
N ASP B 166 1.98 -6.45 -35.80
CA ASP B 166 0.76 -7.16 -35.43
C ASP B 166 0.80 -8.65 -35.82
N ILE B 167 0.24 -9.50 -34.98
CA ILE B 167 0.17 -10.92 -35.29
C ILE B 167 -1.30 -11.29 -35.43
N PRO B 168 -1.67 -11.95 -36.53
CA PRO B 168 -3.08 -12.27 -36.74
C PRO B 168 -3.61 -13.32 -35.75
N PRO B 169 -4.96 -13.49 -35.62
CA PRO B 169 -5.50 -14.51 -34.72
C PRO B 169 -5.15 -15.94 -35.12
N HIS B 170 -5.18 -16.88 -34.14
CA HIS B 170 -4.93 -18.33 -34.30
C HIS B 170 -3.63 -18.65 -35.06
N SER B 171 -2.54 -17.92 -34.75
CA SER B 171 -1.26 -18.08 -35.42
C SER B 171 -0.13 -18.42 -34.46
N LEU B 172 0.84 -19.22 -34.91
CA LEU B 172 2.05 -19.55 -34.18
C LEU B 172 3.13 -18.62 -34.76
N ALA B 173 3.69 -17.74 -33.92
CA ALA B 173 4.70 -16.76 -34.37
C ALA B 173 5.93 -16.79 -33.50
N VAL B 174 7.13 -16.78 -34.13
CA VAL B 174 8.42 -16.85 -33.42
C VAL B 174 9.47 -15.92 -34.11
N GLY B 175 10.56 -15.61 -33.39
CA GLY B 175 11.72 -14.88 -33.89
C GLY B 175 11.91 -13.43 -33.52
N ASN B 176 13.09 -12.91 -33.88
CA ASN B 176 13.47 -11.50 -33.73
C ASN B 176 13.87 -11.03 -35.15
N PRO B 177 12.98 -10.35 -35.93
CA PRO B 177 11.59 -9.94 -35.61
C PRO B 177 10.62 -11.12 -35.64
N CYS B 178 9.51 -10.98 -34.91
CA CYS B 178 8.50 -12.05 -34.81
C CYS B 178 7.71 -12.26 -36.09
N LYS B 179 7.82 -13.46 -36.67
CA LYS B 179 7.13 -13.83 -37.91
C LYS B 179 6.27 -15.09 -37.69
N VAL B 180 5.08 -15.11 -38.32
CA VAL B 180 4.12 -16.23 -38.29
C VAL B 180 4.77 -17.46 -38.96
N VAL B 181 4.70 -18.62 -38.29
CA VAL B 181 5.23 -19.89 -38.78
C VAL B 181 4.09 -20.66 -39.47
N ARG B 182 2.95 -20.82 -38.76
CA ARG B 182 1.78 -21.53 -39.25
C ARG B 182 0.54 -21.17 -38.45
N LYS B 183 -0.65 -21.51 -38.98
CA LYS B 183 -1.90 -21.28 -38.26
C LYS B 183 -2.11 -22.41 -37.25
N ILE B 184 -2.92 -22.16 -36.22
CA ILE B 184 -3.22 -23.13 -35.16
C ILE B 184 -4.65 -23.62 -35.31
N ASP B 185 -4.86 -24.93 -35.09
CA ASP B 185 -6.20 -25.52 -35.08
C ASP B 185 -6.68 -25.39 -33.63
N ASN B 186 -7.59 -24.42 -33.40
CA ASN B 186 -8.16 -24.10 -32.09
C ASN B 186 -9.62 -24.57 -31.91
N ASP B 187 -10.04 -25.58 -32.70
CA ASP B 187 -11.37 -26.18 -32.60
C ASP B 187 -11.46 -27.05 -31.34
N LEU B 188 -12.67 -27.13 -30.73
CA LEU B 188 -12.98 -27.84 -29.48
C LEU B 188 -12.41 -29.27 -29.35
N MET C 1 52.29 -8.02 -11.36
CA MET C 1 50.92 -7.50 -11.46
C MET C 1 49.93 -8.33 -10.66
N THR C 2 49.03 -7.66 -9.91
CA THR C 2 47.94 -8.34 -9.18
C THR C 2 46.88 -8.72 -10.23
N GLU C 3 45.89 -9.55 -9.84
CA GLU C 3 44.80 -9.94 -10.73
C GLU C 3 43.91 -8.74 -11.10
N LYS C 4 43.79 -7.72 -10.18
CA LYS C 4 43.03 -6.48 -10.41
C LYS C 4 43.76 -5.64 -11.47
N GLU C 5 45.12 -5.55 -11.36
CA GLU C 5 45.97 -4.82 -12.29
C GLU C 5 45.94 -5.41 -13.70
N LYS C 6 45.87 -6.76 -13.81
CA LYS C 6 45.76 -7.49 -15.08
C LYS C 6 44.39 -7.23 -15.72
N MET C 7 43.30 -7.23 -14.89
CA MET C 7 41.92 -6.96 -15.31
C MET C 7 41.83 -5.58 -15.96
N LEU C 8 42.37 -4.55 -15.29
CA LEU C 8 42.39 -3.18 -15.75
C LEU C 8 43.30 -2.94 -16.97
N ALA C 9 44.37 -3.76 -17.11
CA ALA C 9 45.31 -3.69 -18.25
C ALA C 9 44.81 -4.47 -19.48
N GLU C 10 43.59 -5.07 -19.38
CA GLU C 10 42.96 -5.88 -20.44
C GLU C 10 43.74 -7.18 -20.78
N LYS C 11 44.39 -7.77 -19.76
CA LYS C 11 45.13 -9.02 -19.82
C LYS C 11 44.27 -10.15 -19.19
N TRP C 12 44.58 -11.44 -19.46
CA TRP C 12 43.87 -12.57 -18.84
C TRP C 12 44.15 -12.57 -17.33
N TYR C 13 43.12 -12.76 -16.51
CA TYR C 13 43.23 -12.72 -15.05
C TYR C 13 42.24 -13.67 -14.39
N ASP C 14 42.53 -14.07 -13.13
CA ASP C 14 41.64 -14.92 -12.33
C ASP C 14 40.55 -14.04 -11.70
N ALA C 15 39.42 -13.92 -12.38
CA ALA C 15 38.29 -13.13 -11.93
C ALA C 15 37.52 -13.83 -10.82
N ASN C 16 37.27 -15.14 -11.02
CA ASN C 16 36.47 -15.99 -10.15
C ASN C 16 37.08 -16.37 -8.83
N PHE C 17 38.41 -16.52 -8.75
CA PHE C 17 39.05 -17.00 -7.52
C PHE C 17 40.01 -16.05 -6.79
N ASP C 18 40.28 -14.83 -7.33
CA ASP C 18 41.13 -13.85 -6.62
C ASP C 18 40.32 -13.21 -5.47
N GLN C 19 40.82 -13.34 -4.22
CA GLN C 19 40.16 -12.81 -3.03
C GLN C 19 39.86 -11.31 -3.08
N THR C 20 40.84 -10.49 -3.56
CA THR C 20 40.68 -9.03 -3.68
C THR C 20 39.49 -8.68 -4.57
N LEU C 21 39.39 -9.34 -5.76
CA LEU C 21 38.32 -9.10 -6.72
C LEU C 21 36.96 -9.59 -6.22
N ILE C 22 36.94 -10.78 -5.56
CA ILE C 22 35.74 -11.36 -4.91
C ILE C 22 35.23 -10.36 -3.84
N ASN C 23 36.17 -9.73 -3.10
CA ASN C 23 35.84 -8.76 -2.04
C ASN C 23 35.38 -7.41 -2.56
N GLU C 24 35.96 -6.95 -3.69
CA GLU C 24 35.54 -5.69 -4.32
C GLU C 24 34.15 -5.86 -4.96
N ARG C 25 33.84 -7.07 -5.44
CA ARG C 25 32.53 -7.39 -6.02
C ARG C 25 31.49 -7.44 -4.90
N LEU C 26 31.86 -7.96 -3.72
CA LEU C 26 31.00 -8.02 -2.52
C LEU C 26 30.50 -6.62 -2.12
N ARG C 27 31.40 -5.63 -2.09
CA ARG C 27 31.10 -4.23 -1.80
C ARG C 27 30.01 -3.71 -2.72
N ALA C 28 30.16 -3.94 -4.05
CA ALA C 28 29.16 -3.51 -5.02
C ALA C 28 27.83 -4.25 -4.81
N LYS C 29 27.87 -5.56 -4.48
CA LYS C 29 26.68 -6.37 -4.23
C LYS C 29 25.91 -5.92 -2.96
N VAL C 30 26.65 -5.51 -1.92
CA VAL C 30 26.10 -5.01 -0.66
C VAL C 30 25.38 -3.67 -0.89
N ILE C 31 26.02 -2.73 -1.66
CA ILE C 31 25.42 -1.42 -1.99
C ILE C 31 24.17 -1.61 -2.90
N CYS C 32 24.28 -2.47 -3.92
CA CYS C 32 23.15 -2.80 -4.80
C CYS C 32 22.00 -3.42 -4.00
N PHE C 33 22.29 -4.29 -3.03
CA PHE C 33 21.27 -4.91 -2.19
C PHE C 33 20.54 -3.83 -1.39
N ALA C 34 21.28 -2.90 -0.79
CA ALA C 34 20.69 -1.77 -0.04
C ALA C 34 19.79 -0.94 -0.97
N LEU C 35 20.26 -0.62 -2.18
CA LEU C 35 19.51 0.16 -3.17
C LEU C 35 18.22 -0.56 -3.63
N ASN C 36 18.34 -1.85 -3.92
CA ASN C 36 17.23 -2.70 -4.36
C ASN C 36 16.12 -2.90 -3.32
N HIS C 37 16.45 -2.66 -2.03
CA HIS C 37 15.55 -2.79 -0.91
C HIS C 37 15.22 -1.47 -0.26
N THR C 38 15.47 -0.35 -0.98
CA THR C 38 15.12 1.02 -0.55
C THR C 38 13.81 1.40 -1.25
N ASN C 39 12.80 1.81 -0.48
CA ASN C 39 11.50 2.20 -1.01
C ASN C 39 11.68 3.31 -2.07
N PRO C 40 10.94 3.28 -3.22
CA PRO C 40 11.07 4.33 -4.23
C PRO C 40 10.86 5.76 -3.73
N VAL C 41 10.11 5.91 -2.63
CA VAL C 41 9.82 7.18 -1.97
C VAL C 41 11.11 7.79 -1.37
N ALA C 42 12.08 6.95 -0.94
CA ALA C 42 13.32 7.40 -0.28
C ALA C 42 14.37 7.91 -1.26
N THR C 43 14.07 9.07 -1.85
CA THR C 43 14.83 9.81 -2.88
C THR C 43 16.26 10.16 -2.49
N MET C 44 16.45 10.77 -1.31
CA MET C 44 17.79 11.16 -0.85
CA MET C 44 17.77 11.18 -0.80
C MET C 44 18.65 9.95 -0.55
N MET C 45 18.07 8.89 0.03
CA MET C 45 18.77 7.64 0.34
C MET C 45 19.23 6.96 -0.94
N ARG C 46 18.35 6.89 -1.94
CA ARG C 46 18.69 6.32 -3.25
C ARG C 46 19.87 7.07 -3.92
N LYS C 47 19.86 8.42 -3.83
CA LYS C 47 20.91 9.27 -4.38
C LYS C 47 22.25 8.97 -3.70
N VAL C 48 22.25 8.88 -2.36
CA VAL C 48 23.42 8.57 -1.55
C VAL C 48 23.98 7.19 -1.98
N LEU C 49 23.11 6.17 -2.13
CA LEU C 49 23.52 4.80 -2.51
C LEU C 49 24.12 4.70 -3.89
N ILE C 50 23.49 5.36 -4.86
CA ILE C 50 23.99 5.39 -6.22
C ILE C 50 25.34 6.07 -6.30
N ASP C 51 25.48 7.18 -5.57
CA ASP C 51 26.76 7.88 -5.45
C ASP C 51 27.86 7.06 -4.76
N ALA C 52 27.53 6.30 -3.71
CA ALA C 52 28.47 5.40 -3.02
C ALA C 52 28.90 4.24 -3.97
N LEU C 53 27.95 3.72 -4.76
CA LEU C 53 28.16 2.65 -5.74
C LEU C 53 29.15 3.03 -6.85
N PHE C 54 28.90 4.16 -7.53
CA PHE C 54 29.73 4.65 -8.63
C PHE C 54 30.95 5.43 -8.17
N GLN C 55 31.04 5.72 -6.87
CA GLN C 55 32.12 6.50 -6.22
C GLN C 55 32.25 7.87 -6.87
N THR C 56 31.12 8.56 -7.09
CA THR C 56 31.04 9.87 -7.75
C THR C 56 29.72 10.55 -7.38
N THR C 57 29.64 11.87 -7.55
CA THR C 57 28.41 12.62 -7.34
C THR C 57 27.71 12.60 -8.69
N THR C 58 26.62 11.84 -8.81
CA THR C 58 25.88 11.76 -10.08
C THR C 58 25.08 13.05 -10.34
N ASP C 59 24.90 13.37 -11.62
CA ASP C 59 24.12 14.50 -12.10
C ASP C 59 22.97 13.95 -12.94
N ASN C 60 21.79 13.81 -12.30
CA ASN C 60 20.56 13.30 -12.89
C ASN C 60 20.71 11.91 -13.52
N VAL C 61 21.25 10.96 -12.75
CA VAL C 61 21.37 9.56 -13.17
C VAL C 61 20.19 8.84 -12.46
N SER C 62 19.13 8.50 -13.23
CA SER C 62 17.94 7.82 -12.66
C SER C 62 18.09 6.33 -12.88
N ILE C 63 17.92 5.59 -11.81
CA ILE C 63 18.01 4.14 -11.84
C ILE C 63 16.75 3.54 -11.24
N SER C 64 16.05 2.74 -12.06
CA SER C 64 14.87 2.00 -11.65
C SER C 64 15.34 0.63 -11.11
N ILE C 65 14.93 0.28 -9.90
CA ILE C 65 15.30 -0.97 -9.26
C ILE C 65 14.59 -2.23 -9.86
N PRO C 66 15.22 -3.41 -9.85
CA PRO C 66 16.59 -3.72 -9.39
C PRO C 66 17.68 -3.29 -10.37
N PHE C 67 18.86 -3.09 -9.83
CA PHE C 67 20.05 -2.71 -10.59
C PHE C 67 21.19 -3.63 -10.15
N ASP C 68 22.04 -4.01 -11.09
CA ASP C 68 23.20 -4.81 -10.76
C ASP C 68 24.46 -4.26 -11.43
N THR C 69 25.58 -4.39 -10.74
CA THR C 69 26.90 -4.01 -11.19
C THR C 69 27.92 -4.89 -10.47
N ASP C 70 29.06 -5.13 -11.11
CA ASP C 70 30.14 -5.92 -10.52
C ASP C 70 31.05 -5.12 -9.59
N TYR C 71 31.51 -3.92 -10.00
CA TYR C 71 32.44 -3.08 -9.22
C TYR C 71 31.83 -1.70 -8.90
N GLY C 72 31.04 -1.17 -9.82
CA GLY C 72 30.42 0.16 -9.71
C GLY C 72 31.39 1.30 -10.01
N TRP C 73 32.60 1.27 -9.42
CA TRP C 73 33.64 2.29 -9.65
C TRP C 73 34.23 2.25 -11.09
N ASN C 74 33.97 1.15 -11.83
CA ASN C 74 34.42 1.01 -13.22
C ASN C 74 33.32 1.35 -14.23
N VAL C 75 32.27 2.04 -13.76
CA VAL C 75 31.19 2.58 -14.61
C VAL C 75 31.41 4.10 -14.58
N LYS C 76 31.78 4.67 -15.73
CA LYS C 76 32.00 6.11 -15.86
C LYS C 76 30.74 6.70 -16.50
N LEU C 77 30.08 7.60 -15.79
CA LEU C 77 28.79 8.17 -16.19
C LEU C 77 28.83 9.64 -16.56
N GLY C 78 27.97 10.01 -17.48
CA GLY C 78 27.76 11.39 -17.86
C GLY C 78 26.55 11.91 -17.09
N LYS C 79 26.07 13.11 -17.42
CA LYS C 79 24.87 13.63 -16.78
C LYS C 79 23.64 13.12 -17.57
N ASN C 80 22.46 13.10 -16.93
CA ASN C 80 21.19 12.68 -17.56
C ASN C 80 21.22 11.25 -18.15
N VAL C 81 21.39 10.24 -17.29
CA VAL C 81 21.41 8.83 -17.73
C VAL C 81 20.18 8.17 -17.10
N TYR C 82 19.28 7.67 -17.95
CA TYR C 82 18.02 7.09 -17.52
C TYR C 82 18.04 5.59 -17.73
N VAL C 83 18.14 4.86 -16.62
CA VAL C 83 18.28 3.41 -16.58
C VAL C 83 17.00 2.77 -16.07
N ASN C 84 16.30 2.05 -16.93
CA ASN C 84 15.06 1.38 -16.50
C ASN C 84 15.34 0.07 -15.72
N THR C 85 14.28 -0.62 -15.31
CA THR C 85 14.29 -1.81 -14.45
C THR C 85 15.14 -2.95 -14.93
N ASN C 86 15.83 -3.61 -13.98
CA ASN C 86 16.63 -4.81 -14.26
C ASN C 86 17.80 -4.67 -15.24
N CYS C 87 18.63 -3.65 -15.03
CA CYS C 87 19.84 -3.50 -15.84
C CYS C 87 21.06 -3.98 -15.08
N TYR C 88 22.04 -4.48 -15.83
CA TYR C 88 23.27 -5.03 -15.29
C TYR C 88 24.46 -4.48 -16.06
N PHE C 89 25.31 -3.71 -15.36
CA PHE C 89 26.55 -3.18 -15.90
C PHE C 89 27.70 -4.07 -15.37
N MET C 90 28.01 -5.15 -16.10
CA MET C 90 29.09 -6.09 -15.73
C MET C 90 30.39 -5.38 -16.12
N ASP C 91 30.94 -4.60 -15.18
CA ASP C 91 32.07 -3.67 -15.35
C ASP C 91 33.52 -4.06 -15.01
N GLY C 92 33.92 -5.31 -15.20
CA GLY C 92 35.33 -5.72 -15.07
C GLY C 92 36.17 -4.90 -16.05
N GLY C 93 35.63 -4.71 -17.24
CA GLY C 93 36.13 -3.80 -18.25
C GLY C 93 35.34 -2.52 -18.10
N GLN C 94 36.02 -1.37 -18.09
CA GLN C 94 35.36 -0.07 -17.93
C GLN C 94 34.15 0.11 -18.85
N ILE C 95 33.01 0.59 -18.30
CA ILE C 95 31.80 0.90 -19.06
C ILE C 95 31.68 2.43 -19.03
N THR C 96 31.94 3.07 -20.18
CA THR C 96 31.86 4.53 -20.30
C THR C 96 30.51 4.89 -20.92
N ILE C 97 29.72 5.69 -20.20
CA ILE C 97 28.41 6.15 -20.67
C ILE C 97 28.45 7.68 -20.77
N GLY C 98 28.08 8.22 -21.93
CA GLY C 98 28.05 9.67 -22.14
C GLY C 98 26.89 10.36 -21.45
N ASP C 99 26.58 11.57 -21.91
CA ASP C 99 25.46 12.37 -21.42
C ASP C 99 24.22 12.08 -22.24
N ASN C 100 23.04 12.20 -21.62
CA ASN C 100 21.73 12.03 -22.26
C ASN C 100 21.58 10.66 -22.90
N VAL C 101 21.54 9.61 -22.05
CA VAL C 101 21.46 8.22 -22.48
C VAL C 101 20.22 7.55 -21.87
N PHE C 102 19.38 6.99 -22.74
CA PHE C 102 18.14 6.30 -22.38
C PHE C 102 18.39 4.81 -22.53
N ILE C 103 18.41 4.10 -21.39
CA ILE C 103 18.65 2.64 -21.34
C ILE C 103 17.35 2.01 -20.88
N GLY C 104 16.74 1.23 -21.77
CA GLY C 104 15.50 0.53 -21.51
C GLY C 104 15.62 -0.58 -20.51
N PRO C 105 14.48 -1.22 -20.17
CA PRO C 105 14.51 -2.28 -19.15
C PRO C 105 15.17 -3.57 -19.63
N ASN C 106 15.70 -4.37 -18.69
CA ASN C 106 16.28 -5.69 -19.02
C ASN C 106 17.47 -5.64 -19.98
N CYS C 107 18.33 -4.63 -19.82
CA CYS C 107 19.52 -4.46 -20.64
C CYS C 107 20.74 -4.92 -19.88
N GLY C 108 21.68 -5.53 -20.59
CA GLY C 108 22.93 -6.01 -20.02
C GLY C 108 24.12 -5.51 -20.81
N PHE C 109 25.07 -4.87 -20.12
CA PHE C 109 26.29 -4.36 -20.74
C PHE C 109 27.40 -5.24 -20.17
N TYR C 110 27.78 -6.27 -20.93
CA TYR C 110 28.74 -7.32 -20.53
C TYR C 110 30.14 -7.10 -21.04
N THR C 111 31.14 -7.04 -20.14
CA THR C 111 32.53 -6.83 -20.53
C THR C 111 33.40 -8.08 -20.33
N ALA C 112 32.81 -9.17 -19.82
CA ALA C 112 33.57 -10.38 -19.54
C ALA C 112 33.58 -11.41 -20.63
N THR C 113 34.80 -11.81 -21.01
CA THR C 113 35.04 -12.87 -21.97
C THR C 113 35.71 -14.00 -21.23
N HIS C 114 35.21 -15.23 -21.40
CA HIS C 114 35.82 -16.42 -20.83
C HIS C 114 36.57 -17.14 -21.94
N PRO C 115 37.60 -17.96 -21.67
CA PRO C 115 38.24 -18.73 -22.76
C PRO C 115 37.26 -19.74 -23.35
N LEU C 116 37.42 -20.07 -24.64
CA LEU C 116 36.57 -21.06 -25.30
C LEU C 116 36.90 -22.47 -24.83
N ASN C 117 38.21 -22.71 -24.57
CA ASN C 117 38.74 -23.97 -24.06
C ASN C 117 38.33 -24.11 -22.59
N PHE C 118 37.64 -25.21 -22.24
CA PHE C 118 37.15 -25.41 -20.87
C PHE C 118 38.23 -25.54 -19.82
N HIS C 119 39.44 -26.03 -20.19
CA HIS C 119 40.56 -26.18 -19.25
C HIS C 119 40.99 -24.85 -18.64
N HIS C 120 41.14 -23.80 -19.48
CA HIS C 120 41.50 -22.45 -19.05
C HIS C 120 40.34 -21.76 -18.35
N ARG C 121 39.09 -21.99 -18.84
CA ARG C 121 37.88 -21.40 -18.27
C ARG C 121 37.59 -21.93 -16.85
N ASN C 122 37.75 -23.26 -16.65
CA ASN C 122 37.54 -23.89 -15.34
C ASN C 122 38.53 -23.42 -14.28
N GLU C 123 39.66 -22.83 -14.70
CA GLU C 123 40.70 -22.27 -13.83
C GLU C 123 40.31 -20.88 -13.29
N GLY C 124 39.24 -20.29 -13.85
CA GLY C 124 38.68 -19.00 -13.48
C GLY C 124 39.08 -17.80 -14.31
N PHE C 125 39.86 -18.03 -15.37
CA PHE C 125 40.38 -16.99 -16.27
C PHE C 125 39.33 -16.23 -17.06
N GLU C 126 39.53 -14.91 -17.19
CA GLU C 126 38.70 -13.99 -17.95
C GLU C 126 39.54 -12.86 -18.54
N LYS C 127 39.03 -12.21 -19.59
CA LYS C 127 39.63 -11.03 -20.19
C LYS C 127 38.53 -9.97 -20.28
N ALA C 128 38.80 -8.78 -19.73
CA ALA C 128 37.84 -7.67 -19.70
C ALA C 128 37.91 -6.83 -21.00
N GLY C 129 36.76 -6.67 -21.65
CA GLY C 129 36.61 -5.91 -22.89
C GLY C 129 35.76 -4.67 -22.68
N PRO C 130 36.39 -3.47 -22.44
CA PRO C 130 35.62 -2.24 -22.16
C PRO C 130 34.55 -1.87 -23.17
N ILE C 131 33.41 -1.30 -22.68
CA ILE C 131 32.28 -0.86 -23.52
C ILE C 131 32.20 0.67 -23.49
N HIS C 132 32.06 1.30 -24.67
CA HIS C 132 31.91 2.74 -24.80
C HIS C 132 30.53 3.10 -25.34
N ILE C 133 29.68 3.71 -24.50
CA ILE C 133 28.35 4.15 -24.90
C ILE C 133 28.42 5.65 -25.12
N GLY C 134 28.30 6.08 -26.37
CA GLY C 134 28.32 7.48 -26.74
C GLY C 134 27.18 8.30 -26.15
N SER C 135 27.36 9.61 -26.11
CA SER C 135 26.34 10.55 -25.62
C SER C 135 25.16 10.56 -26.58
N ASN C 136 23.97 10.97 -26.11
CA ASN C 136 22.78 11.13 -26.95
C ASN C 136 22.28 9.83 -27.64
N THR C 137 22.36 8.69 -26.93
CA THR C 137 21.96 7.37 -27.43
C THR C 137 20.65 6.86 -26.78
N TRP C 138 19.98 5.90 -27.44
CA TRP C 138 18.75 5.29 -26.91
C TRP C 138 18.78 3.79 -27.12
N PHE C 139 18.60 3.03 -26.03
CA PHE C 139 18.57 1.56 -26.01
C PHE C 139 17.16 1.12 -25.71
N GLY C 140 16.61 0.26 -26.56
CA GLY C 140 15.30 -0.32 -26.31
C GLY C 140 15.42 -1.35 -25.19
N GLY C 141 14.32 -1.93 -24.75
CA GLY C 141 14.41 -2.94 -23.71
C GLY C 141 14.96 -4.24 -24.25
N HIS C 142 15.40 -5.18 -23.36
CA HIS C 142 15.89 -6.52 -23.73
C HIS C 142 17.17 -6.53 -24.62
N VAL C 143 17.99 -5.50 -24.52
CA VAL C 143 19.23 -5.35 -25.27
C VAL C 143 20.44 -5.90 -24.52
N ALA C 144 21.29 -6.67 -25.20
CA ALA C 144 22.54 -7.17 -24.63
C ALA C 144 23.71 -6.55 -25.44
N VAL C 145 24.62 -5.84 -24.75
CA VAL C 145 25.81 -5.26 -25.37
C VAL C 145 26.99 -6.11 -24.92
N LEU C 146 27.76 -6.63 -25.89
CA LEU C 146 28.87 -7.56 -25.71
C LEU C 146 30.26 -6.91 -25.49
N PRO C 147 31.29 -7.63 -24.95
CA PRO C 147 32.59 -6.98 -24.68
C PRO C 147 33.33 -6.34 -25.84
N GLY C 148 33.88 -5.15 -25.57
CA GLY C 148 34.68 -4.38 -26.53
C GLY C 148 33.89 -3.48 -27.47
N VAL C 149 32.54 -3.57 -27.43
CA VAL C 149 31.64 -2.84 -28.32
C VAL C 149 31.60 -1.35 -28.00
N THR C 150 31.59 -0.51 -29.06
CA THR C 150 31.47 0.95 -29.01
C THR C 150 30.20 1.34 -29.79
N ILE C 151 29.30 2.08 -29.12
CA ILE C 151 28.06 2.56 -29.73
C ILE C 151 28.26 4.06 -29.88
N GLY C 152 28.39 4.49 -31.13
CA GLY C 152 28.63 5.89 -31.47
C GLY C 152 27.54 6.83 -30.99
N GLU C 153 27.91 8.09 -30.73
CA GLU C 153 26.98 9.09 -30.25
C GLU C 153 25.84 9.37 -31.22
N GLY C 154 24.64 9.61 -30.69
CA GLY C 154 23.44 9.88 -31.48
C GLY C 154 22.73 8.65 -32.03
N SER C 155 23.23 7.45 -31.68
CA SER C 155 22.71 6.16 -32.14
C SER C 155 21.52 5.60 -31.36
N VAL C 156 20.71 4.77 -32.02
CA VAL C 156 19.52 4.15 -31.45
C VAL C 156 19.61 2.63 -31.63
N ILE C 157 19.49 1.88 -30.52
CA ILE C 157 19.54 0.41 -30.54
C ILE C 157 18.13 -0.10 -30.30
N GLY C 158 17.59 -0.84 -31.27
CA GLY C 158 16.25 -1.42 -31.20
C GLY C 158 16.11 -2.44 -30.08
N ALA C 159 14.87 -2.66 -29.62
CA ALA C 159 14.59 -3.61 -28.55
C ALA C 159 14.93 -5.06 -28.98
N GLY C 160 15.55 -5.83 -28.09
CA GLY C 160 15.93 -7.23 -28.36
C GLY C 160 17.24 -7.42 -29.11
N SER C 161 17.99 -6.32 -29.32
CA SER C 161 19.25 -6.39 -30.04
C SER C 161 20.36 -7.02 -29.21
N VAL C 162 21.25 -7.74 -29.91
CA VAL C 162 22.45 -8.35 -29.33
C VAL C 162 23.59 -7.67 -30.08
N VAL C 163 24.19 -6.65 -29.43
CA VAL C 163 25.23 -5.83 -30.02
C VAL C 163 26.59 -6.53 -29.90
N THR C 164 26.98 -7.24 -30.95
CA THR C 164 28.21 -8.03 -31.06
C THR C 164 29.39 -7.18 -31.61
N LYS C 165 29.08 -6.17 -32.43
CA LYS C 165 30.07 -5.33 -33.10
C LYS C 165 29.75 -3.85 -32.95
N ASP C 166 30.77 -2.98 -33.21
CA ASP C 166 30.71 -1.53 -33.11
C ASP C 166 29.64 -0.91 -33.96
N ILE C 167 28.83 -0.02 -33.38
CA ILE C 167 27.83 0.70 -34.15
C ILE C 167 28.30 2.14 -34.36
N PRO C 168 28.31 2.59 -35.61
CA PRO C 168 28.82 3.94 -35.90
C PRO C 168 27.90 5.05 -35.34
N PRO C 169 28.38 6.33 -35.28
CA PRO C 169 27.52 7.39 -34.74
C PRO C 169 26.30 7.68 -35.62
N HIS C 170 25.26 8.30 -35.03
CA HIS C 170 24.01 8.72 -35.68
C HIS C 170 23.36 7.63 -36.55
N SER C 171 23.32 6.39 -36.03
CA SER C 171 22.78 5.23 -36.74
C SER C 171 21.66 4.54 -35.97
N LEU C 172 20.67 4.00 -36.69
CA LEU C 172 19.59 3.19 -36.15
C LEU C 172 20.01 1.74 -36.39
N ALA C 173 20.21 0.96 -35.31
CA ALA C 173 20.63 -0.43 -35.42
C ALA C 173 19.71 -1.37 -34.65
N VAL C 174 19.35 -2.52 -35.24
CA VAL C 174 18.44 -3.52 -34.67
C VAL C 174 18.89 -4.96 -35.02
N GLY C 175 18.41 -5.94 -34.25
CA GLY C 175 18.63 -7.37 -34.50
C GLY C 175 19.60 -8.14 -33.63
N ASN C 176 19.58 -9.45 -33.80
CA ASN C 176 20.47 -10.44 -33.17
C ASN C 176 21.10 -11.22 -34.35
N PRO C 177 22.34 -10.87 -34.81
CA PRO C 177 23.25 -9.79 -34.35
C PRO C 177 22.77 -8.39 -34.77
N CYS C 178 23.18 -7.37 -34.02
CA CYS C 178 22.77 -5.99 -34.27
C CYS C 178 23.38 -5.38 -35.53
N LYS C 179 22.54 -5.01 -36.50
CA LYS C 179 22.97 -4.42 -37.77
C LYS C 179 22.30 -3.07 -38.00
N VAL C 180 23.05 -2.10 -38.55
CA VAL C 180 22.59 -0.75 -38.89
C VAL C 180 21.49 -0.84 -39.96
N VAL C 181 20.36 -0.16 -39.74
CA VAL C 181 19.21 -0.11 -40.65
C VAL C 181 19.34 1.14 -41.53
N ARG C 182 19.56 2.31 -40.89
CA ARG C 182 19.70 3.59 -41.57
C ARG C 182 20.35 4.62 -40.68
N LYS C 183 20.83 5.73 -41.28
CA LYS C 183 21.41 6.82 -40.49
C LYS C 183 20.26 7.69 -39.93
N ILE C 184 20.54 8.44 -38.86
CA ILE C 184 19.57 9.32 -38.22
C ILE C 184 19.99 10.75 -38.49
N ASP C 185 19.04 11.62 -38.86
CA ASP C 185 19.42 13.02 -39.05
C ASP C 185 19.19 13.71 -37.72
N ASN C 186 20.28 14.03 -37.03
CA ASN C 186 20.29 14.66 -35.70
C ASN C 186 20.62 16.19 -35.73
N ASP C 187 20.58 16.82 -36.94
CA ASP C 187 20.85 18.25 -37.16
C ASP C 187 19.56 19.03 -36.96
N MET D 1 -27.97 -8.31 -12.10
CA MET D 1 -27.11 -7.36 -11.39
C MET D 1 -26.38 -7.98 -10.20
N THR D 2 -25.07 -7.66 -10.05
CA THR D 2 -24.31 -8.11 -8.88
C THR D 2 -24.73 -7.21 -7.70
N GLU D 3 -24.32 -7.57 -6.47
CA GLU D 3 -24.62 -6.75 -5.28
C GLU D 3 -23.91 -5.39 -5.34
N LYS D 4 -22.72 -5.30 -6.00
CA LYS D 4 -21.96 -4.05 -6.21
C LYS D 4 -22.75 -3.15 -7.17
N GLU D 5 -23.28 -3.75 -8.27
CA GLU D 5 -24.09 -3.05 -9.28
C GLU D 5 -25.39 -2.49 -8.69
N LYS D 6 -26.03 -3.23 -7.75
CA LYS D 6 -27.24 -2.81 -7.04
C LYS D 6 -26.92 -1.64 -6.10
N MET D 7 -25.77 -1.71 -5.39
CA MET D 7 -25.26 -0.67 -4.48
C MET D 7 -25.11 0.65 -5.22
N LEU D 8 -24.43 0.61 -6.37
CA LEU D 8 -24.18 1.77 -7.24
C LEU D 8 -25.44 2.31 -7.90
N ALA D 9 -26.44 1.45 -8.18
CA ALA D 9 -27.74 1.83 -8.78
C ALA D 9 -28.73 2.36 -7.74
N GLU D 10 -28.32 2.45 -6.45
CA GLU D 10 -29.14 2.91 -5.32
C GLU D 10 -30.35 1.98 -5.01
N LYS D 11 -30.16 0.67 -5.24
CA LYS D 11 -31.14 -0.38 -4.97
C LYS D 11 -30.73 -1.12 -3.67
N TRP D 12 -31.66 -1.87 -3.04
CA TRP D 12 -31.34 -2.69 -1.85
C TRP D 12 -30.35 -3.78 -2.26
N TYR D 13 -29.32 -4.00 -1.46
CA TYR D 13 -28.28 -4.99 -1.76
C TYR D 13 -27.70 -5.59 -0.49
N ASP D 14 -27.07 -6.78 -0.60
CA ASP D 14 -26.41 -7.44 0.52
C ASP D 14 -25.00 -6.86 0.69
N ALA D 15 -24.89 -5.83 1.54
CA ALA D 15 -23.64 -5.16 1.83
C ALA D 15 -22.74 -6.00 2.73
N ASN D 16 -23.35 -6.57 3.78
CA ASN D 16 -22.67 -7.33 4.84
C ASN D 16 -22.15 -8.69 4.45
N PHE D 17 -22.83 -9.41 3.53
CA PHE D 17 -22.43 -10.78 3.21
C PHE D 17 -21.93 -11.08 1.79
N ASP D 18 -21.94 -10.09 0.86
CA ASP D 18 -21.41 -10.30 -0.50
C ASP D 18 -19.89 -10.31 -0.45
N GLN D 19 -19.26 -11.42 -0.88
CA GLN D 19 -17.80 -11.60 -0.88
C GLN D 19 -17.04 -10.51 -1.63
N THR D 20 -17.51 -10.11 -2.84
CA THR D 20 -16.90 -9.04 -3.64
C THR D 20 -16.80 -7.72 -2.86
N LEU D 21 -17.91 -7.32 -2.22
CA LEU D 21 -18.00 -6.07 -1.43
C LEU D 21 -17.18 -6.13 -0.18
N ILE D 22 -17.19 -7.30 0.53
CA ILE D 22 -16.37 -7.56 1.72
C ILE D 22 -14.86 -7.41 1.33
N ASN D 23 -14.50 -7.91 0.13
CA ASN D 23 -13.13 -7.87 -0.37
C ASN D 23 -12.70 -6.49 -0.86
N GLU D 24 -13.63 -5.71 -1.43
CA GLU D 24 -13.34 -4.33 -1.88
C GLU D 24 -13.17 -3.44 -0.66
N ARG D 25 -13.91 -3.73 0.43
CA ARG D 25 -13.82 -2.99 1.68
C ARG D 25 -12.48 -3.31 2.36
N LEU D 26 -11.99 -4.57 2.23
CA LEU D 26 -10.72 -5.01 2.78
C LEU D 26 -9.55 -4.19 2.23
N ARG D 27 -9.54 -3.99 0.89
CA ARG D 27 -8.54 -3.19 0.17
C ARG D 27 -8.47 -1.80 0.73
N ALA D 28 -9.63 -1.14 0.91
CA ALA D 28 -9.69 0.22 1.49
C ALA D 28 -9.19 0.20 2.97
N LYS D 29 -9.58 -0.82 3.77
CA LYS D 29 -9.14 -0.97 5.17
C LYS D 29 -7.61 -1.18 5.28
N VAL D 30 -7.00 -1.94 4.34
CA VAL D 30 -5.56 -2.20 4.28
C VAL D 30 -4.80 -0.89 3.97
N ILE D 31 -5.26 -0.10 2.96
CA ILE D 31 -4.63 1.18 2.60
C ILE D 31 -4.79 2.19 3.76
N CYS D 32 -5.98 2.25 4.39
CA CYS D 32 -6.21 3.13 5.56
C CYS D 32 -5.30 2.73 6.71
N PHE D 33 -5.07 1.42 6.93
CA PHE D 33 -4.18 0.94 7.98
C PHE D 33 -2.75 1.42 7.73
N ALA D 34 -2.27 1.27 6.49
CA ALA D 34 -0.94 1.75 6.12
C ALA D 34 -0.84 3.29 6.37
N LEU D 35 -1.86 4.07 5.97
CA LEU D 35 -1.88 5.51 6.12
C LEU D 35 -1.86 5.92 7.59
N ASN D 36 -2.71 5.24 8.40
CA ASN D 36 -2.85 5.49 9.83
C ASN D 36 -1.60 5.18 10.65
N HIS D 37 -0.67 4.39 10.07
CA HIS D 37 0.58 3.96 10.69
C HIS D 37 1.79 4.55 10.02
N THR D 38 1.61 5.58 9.21
CA THR D 38 2.68 6.30 8.52
C THR D 38 2.97 7.57 9.35
N ASN D 39 4.25 7.76 9.72
CA ASN D 39 4.66 8.89 10.52
C ASN D 39 4.23 10.19 9.81
N PRO D 40 3.73 11.22 10.55
CA PRO D 40 3.34 12.49 9.89
C PRO D 40 4.46 13.14 9.04
N VAL D 41 5.73 12.85 9.37
CA VAL D 41 6.90 13.37 8.67
C VAL D 41 7.00 12.76 7.23
N ALA D 42 6.47 11.53 6.99
CA ALA D 42 6.55 10.85 5.69
C ALA D 42 5.47 11.36 4.70
N THR D 43 5.65 12.60 4.28
CA THR D 43 4.78 13.38 3.39
C THR D 43 4.52 12.76 2.04
N MET D 44 5.58 12.29 1.35
CA MET D 44 5.44 11.67 0.03
CA MET D 44 5.49 11.65 0.03
C MET D 44 4.70 10.34 0.13
N MET D 45 4.99 9.53 1.17
CA MET D 45 4.33 8.24 1.40
C MET D 45 2.84 8.45 1.68
N ARG D 46 2.48 9.43 2.52
CA ARG D 46 1.06 9.76 2.80
C ARG D 46 0.28 10.13 1.52
N LYS D 47 0.93 10.91 0.65
CA LYS D 47 0.39 11.38 -0.62
C LYS D 47 0.16 10.20 -1.54
N VAL D 48 1.12 9.27 -1.62
CA VAL D 48 1.00 8.05 -2.40
C VAL D 48 -0.21 7.21 -1.88
N LEU D 49 -0.34 7.07 -0.55
CA LEU D 49 -1.43 6.29 0.07
C LEU D 49 -2.82 6.86 -0.12
N ILE D 50 -2.96 8.17 0.06
CA ILE D 50 -4.24 8.85 -0.17
C ILE D 50 -4.64 8.75 -1.64
N ASP D 51 -3.69 8.94 -2.54
CA ASP D 51 -3.89 8.74 -3.98
C ASP D 51 -4.28 7.31 -4.36
N ALA D 52 -3.63 6.29 -3.74
CA ALA D 52 -3.98 4.89 -3.99
C ALA D 52 -5.41 4.59 -3.45
N LEU D 53 -5.76 5.15 -2.28
CA LEU D 53 -7.05 5.01 -1.62
C LEU D 53 -8.24 5.56 -2.48
N PHE D 54 -8.13 6.82 -2.91
CA PHE D 54 -9.16 7.49 -3.72
C PHE D 54 -9.09 7.16 -5.22
N GLN D 55 -8.01 6.45 -5.64
CA GLN D 55 -7.73 6.06 -7.03
C GLN D 55 -7.71 7.31 -7.93
N THR D 56 -7.01 8.35 -7.50
CA THR D 56 -6.89 9.63 -8.21
C THR D 56 -5.65 10.37 -7.71
N THR D 57 -5.16 11.34 -8.47
CA THR D 57 -4.04 12.20 -8.03
C THR D 57 -4.73 13.36 -7.36
N THR D 58 -4.63 13.45 -6.03
CA THR D 58 -5.25 14.54 -5.28
C THR D 58 -4.48 15.87 -5.47
N ASP D 59 -5.20 16.99 -5.38
CA ASP D 59 -4.66 18.35 -5.49
C ASP D 59 -4.97 19.05 -4.17
N ASN D 60 -3.97 19.05 -3.27
CA ASN D 60 -4.02 19.63 -1.93
C ASN D 60 -5.16 19.09 -1.06
N VAL D 61 -5.23 17.76 -0.93
CA VAL D 61 -6.21 17.09 -0.08
C VAL D 61 -5.40 16.69 1.18
N SER D 62 -5.62 17.40 2.30
CA SER D 62 -4.91 17.12 3.56
C SER D 62 -5.79 16.23 4.43
N ILE D 63 -5.19 15.14 4.90
CA ILE D 63 -5.87 14.23 5.80
C ILE D 63 -5.06 14.05 7.06
N SER D 64 -5.66 14.38 8.21
CA SER D 64 -5.10 14.20 9.53
C SER D 64 -5.50 12.79 9.99
N ILE D 65 -4.52 11.99 10.40
CA ILE D 65 -4.78 10.60 10.82
C ILE D 65 -5.42 10.50 12.23
N PRO D 66 -6.26 9.48 12.50
CA PRO D 66 -6.73 8.41 11.61
C PRO D 66 -7.83 8.85 10.65
N PHE D 67 -7.91 8.14 9.55
CA PHE D 67 -8.91 8.33 8.53
C PHE D 67 -9.55 6.97 8.19
N ASP D 68 -10.86 6.96 7.97
CA ASP D 68 -11.55 5.76 7.59
C ASP D 68 -12.44 6.00 6.38
N THR D 69 -12.53 4.98 5.53
CA THR D 69 -13.39 4.94 4.34
C THR D 69 -13.73 3.50 4.06
N ASP D 70 -14.88 3.26 3.45
CA ASP D 70 -15.31 1.91 3.10
C ASP D 70 -14.73 1.40 1.78
N TYR D 71 -14.77 2.21 0.69
CA TYR D 71 -14.29 1.83 -0.65
C TYR D 71 -13.14 2.72 -1.15
N GLY D 72 -13.22 4.00 -0.82
CA GLY D 72 -12.22 4.98 -1.23
C GLY D 72 -12.51 5.51 -2.62
N TRP D 73 -12.65 4.60 -3.61
CA TRP D 73 -12.89 4.96 -5.00
C TRP D 73 -14.28 5.63 -5.22
N ASN D 74 -15.18 5.54 -4.20
CA ASN D 74 -16.50 6.15 -4.26
C ASN D 74 -16.56 7.51 -3.55
N VAL D 75 -15.38 8.09 -3.28
CA VAL D 75 -15.24 9.43 -2.72
C VAL D 75 -14.69 10.28 -3.89
N LYS D 76 -15.47 11.25 -4.36
CA LYS D 76 -15.06 12.14 -5.45
C LYS D 76 -14.69 13.46 -4.83
N LEU D 77 -13.41 13.85 -4.97
CA LEU D 77 -12.84 15.02 -4.32
C LEU D 77 -12.49 16.16 -5.26
N GLY D 78 -12.64 17.39 -4.77
CA GLY D 78 -12.19 18.58 -5.47
C GLY D 78 -10.79 18.93 -4.98
N LYS D 79 -10.26 20.10 -5.37
CA LYS D 79 -8.95 20.51 -4.86
C LYS D 79 -9.13 21.22 -3.51
N ASN D 80 -8.06 21.31 -2.70
CA ASN D 80 -8.09 21.99 -1.38
C ASN D 80 -9.16 21.47 -0.42
N VAL D 81 -9.02 20.21 0.01
CA VAL D 81 -9.96 19.59 0.96
C VAL D 81 -9.18 19.28 2.23
N TYR D 82 -9.59 19.90 3.34
CA TYR D 82 -8.91 19.81 4.62
C TYR D 82 -9.71 19.00 5.60
N VAL D 83 -9.23 17.78 5.86
CA VAL D 83 -9.89 16.79 6.70
C VAL D 83 -9.14 16.62 8.00
N ASN D 84 -9.78 16.98 9.12
CA ASN D 84 -9.13 16.83 10.42
C ASN D 84 -9.23 15.39 10.94
N THR D 85 -8.69 15.16 12.13
CA THR D 85 -8.55 13.84 12.78
C THR D 85 -9.85 13.06 12.94
N ASN D 86 -9.78 11.74 12.72
CA ASN D 86 -10.89 10.82 12.92
C ASN D 86 -12.14 11.06 12.09
N CYS D 87 -11.96 11.22 10.78
CA CYS D 87 -13.12 11.31 9.91
C CYS D 87 -13.37 9.98 9.21
N TYR D 88 -14.64 9.73 8.92
CA TYR D 88 -15.08 8.50 8.27
C TYR D 88 -16.00 8.84 7.12
N PHE D 89 -15.57 8.49 5.89
CA PHE D 89 -16.37 8.65 4.67
C PHE D 89 -16.92 7.25 4.33
N MET D 90 -18.11 6.91 4.89
CA MET D 90 -18.79 5.64 4.65
C MET D 90 -19.43 5.79 3.26
N ASP D 91 -18.68 5.42 2.21
CA ASP D 91 -18.95 5.62 0.79
C ASP D 91 -19.58 4.52 -0.09
N GLY D 92 -20.47 3.70 0.45
CA GLY D 92 -21.27 2.75 -0.35
C GLY D 92 -22.05 3.55 -1.39
N GLY D 93 -22.59 4.68 -0.94
CA GLY D 93 -23.21 5.68 -1.78
C GLY D 93 -22.14 6.72 -2.05
N GLN D 94 -21.94 7.13 -3.30
CA GLN D 94 -20.93 8.13 -3.68
C GLN D 94 -20.96 9.37 -2.78
N ILE D 95 -19.78 9.80 -2.33
CA ILE D 95 -19.63 11.02 -1.53
C ILE D 95 -18.88 12.02 -2.42
N THR D 96 -19.59 13.04 -2.88
CA THR D 96 -19.02 14.08 -3.75
C THR D 96 -18.66 15.29 -2.89
N ILE D 97 -17.39 15.69 -2.93
CA ILE D 97 -16.88 16.82 -2.16
C ILE D 97 -16.31 17.82 -3.15
N GLY D 98 -16.78 19.07 -3.08
CA GLY D 98 -16.27 20.11 -3.98
C GLY D 98 -14.88 20.60 -3.64
N ASP D 99 -14.54 21.81 -4.13
CA ASP D 99 -13.26 22.49 -3.88
C ASP D 99 -13.39 23.35 -2.63
N ASN D 100 -12.26 23.53 -1.92
CA ASN D 100 -12.17 24.40 -0.74
C ASN D 100 -13.17 24.03 0.35
N VAL D 101 -12.98 22.82 0.92
CA VAL D 101 -13.85 22.25 1.94
C VAL D 101 -13.06 21.97 3.23
N PHE D 102 -13.54 22.51 4.34
CA PHE D 102 -12.94 22.39 5.67
C PHE D 102 -13.83 21.46 6.49
N ILE D 103 -13.28 20.28 6.80
CA ILE D 103 -13.99 19.24 7.57
C ILE D 103 -13.26 19.10 8.90
N GLY D 104 -13.98 19.42 9.96
CA GLY D 104 -13.48 19.37 11.33
C GLY D 104 -13.25 17.96 11.80
N PRO D 105 -12.71 17.83 13.03
CA PRO D 105 -12.41 16.48 13.53
C PRO D 105 -13.64 15.69 13.94
N ASN D 106 -13.57 14.34 13.94
CA ASN D 106 -14.67 13.48 14.39
C ASN D 106 -15.97 13.64 13.59
N CYS D 107 -15.84 13.81 12.27
CA CYS D 107 -16.99 13.97 11.39
C CYS D 107 -17.22 12.66 10.65
N GLY D 108 -18.50 12.32 10.45
CA GLY D 108 -18.90 11.11 9.77
C GLY D 108 -19.86 11.41 8.64
N PHE D 109 -19.54 10.90 7.45
CA PHE D 109 -20.38 11.07 6.28
C PHE D 109 -20.91 9.70 5.99
N TYR D 110 -22.15 9.43 6.43
CA TYR D 110 -22.78 8.12 6.35
C TYR D 110 -23.78 7.97 5.23
N THR D 111 -23.55 7.02 4.32
CA THR D 111 -24.44 6.80 3.17
C THR D 111 -25.24 5.52 3.32
N ALA D 112 -25.07 4.78 4.43
CA ALA D 112 -25.76 3.52 4.61
C ALA D 112 -27.06 3.61 5.37
N THR D 113 -28.11 3.08 4.75
CA THR D 113 -29.41 2.96 5.37
C THR D 113 -29.67 1.46 5.50
N HIS D 114 -30.08 1.03 6.70
CA HIS D 114 -30.47 -0.35 6.95
C HIS D 114 -31.99 -0.39 7.01
N PRO D 115 -32.66 -1.52 6.73
CA PRO D 115 -34.14 -1.55 6.90
C PRO D 115 -34.52 -1.39 8.38
N LEU D 116 -35.69 -0.80 8.65
CA LEU D 116 -36.19 -0.64 10.03
C LEU D 116 -36.63 -1.98 10.61
N ASN D 117 -37.19 -2.86 9.74
CA ASN D 117 -37.64 -4.20 10.08
C ASN D 117 -36.39 -5.08 10.28
N PHE D 118 -36.26 -5.71 11.48
CA PHE D 118 -35.10 -6.53 11.80
C PHE D 118 -34.91 -7.77 10.93
N HIS D 119 -36.00 -8.33 10.37
CA HIS D 119 -35.94 -9.52 9.50
C HIS D 119 -35.11 -9.26 8.24
N HIS D 120 -35.38 -8.12 7.56
CA HIS D 120 -34.63 -7.69 6.37
C HIS D 120 -33.23 -7.23 6.71
N ARG D 121 -33.08 -6.52 7.85
CA ARG D 121 -31.78 -6.00 8.31
C ARG D 121 -30.81 -7.13 8.68
N ASN D 122 -31.30 -8.17 9.39
CA ASN D 122 -30.50 -9.31 9.80
C ASN D 122 -29.98 -10.13 8.60
N GLU D 123 -30.63 -9.98 7.42
CA GLU D 123 -30.27 -10.63 6.17
C GLU D 123 -29.05 -9.95 5.49
N GLY D 124 -28.68 -8.77 6.00
CA GLY D 124 -27.54 -7.98 5.53
C GLY D 124 -27.85 -6.87 4.55
N PHE D 125 -29.15 -6.65 4.24
CA PHE D 125 -29.61 -5.63 3.29
C PHE D 125 -29.35 -4.19 3.70
N GLU D 126 -28.98 -3.38 2.71
CA GLU D 126 -28.71 -1.95 2.84
C GLU D 126 -29.09 -1.22 1.55
N LYS D 127 -29.34 0.09 1.66
CA LYS D 127 -29.57 0.96 0.52
C LYS D 127 -28.60 2.14 0.66
N ALA D 128 -27.82 2.40 -0.38
CA ALA D 128 -26.82 3.47 -0.38
C ALA D 128 -27.44 4.81 -0.83
N GLY D 129 -27.28 5.82 0.03
CA GLY D 129 -27.79 7.17 -0.20
C GLY D 129 -26.64 8.15 -0.40
N PRO D 130 -26.30 8.49 -1.67
CA PRO D 130 -25.18 9.40 -1.93
C PRO D 130 -25.25 10.75 -1.22
N ILE D 131 -24.09 11.29 -0.82
CA ILE D 131 -23.96 12.58 -0.14
C ILE D 131 -23.25 13.56 -1.08
N HIS D 132 -23.79 14.78 -1.21
CA HIS D 132 -23.21 15.85 -2.01
C HIS D 132 -22.77 16.99 -1.13
N ILE D 133 -21.46 17.20 -1.02
CA ILE D 133 -20.89 18.30 -0.23
C ILE D 133 -20.46 19.36 -1.24
N GLY D 134 -21.15 20.49 -1.25
CA GLY D 134 -20.82 21.61 -2.13
C GLY D 134 -19.44 22.21 -1.89
N SER D 135 -18.93 22.93 -2.88
CA SER D 135 -17.65 23.64 -2.79
C SER D 135 -17.79 24.77 -1.77
N ASN D 136 -16.66 25.27 -1.23
CA ASN D 136 -16.64 26.41 -0.31
C ASN D 136 -17.48 26.22 0.99
N THR D 137 -17.45 25.01 1.56
CA THR D 137 -18.20 24.67 2.78
C THR D 137 -17.28 24.50 4.01
N TRP D 138 -17.86 24.62 5.22
CA TRP D 138 -17.11 24.45 6.45
C TRP D 138 -17.94 23.62 7.42
N PHE D 139 -17.35 22.51 7.90
CA PHE D 139 -17.95 21.61 8.88
C PHE D 139 -17.21 21.73 10.19
N GLY D 140 -17.95 21.99 11.27
CA GLY D 140 -17.36 22.02 12.62
C GLY D 140 -17.03 20.59 13.04
N GLY D 141 -16.39 20.40 14.17
CA GLY D 141 -16.09 19.04 14.61
C GLY D 141 -17.33 18.34 15.14
N HIS D 142 -17.29 17.00 15.30
CA HIS D 142 -18.38 16.18 15.85
C HIS D 142 -19.68 16.21 15.02
N VAL D 143 -19.57 16.44 13.70
CA VAL D 143 -20.71 16.49 12.80
C VAL D 143 -20.98 15.12 12.15
N ALA D 144 -22.26 14.72 12.07
CA ALA D 144 -22.66 13.50 11.38
C ALA D 144 -23.62 13.91 10.22
N VAL D 145 -23.28 13.51 8.98
CA VAL D 145 -24.07 13.75 7.78
C VAL D 145 -24.73 12.43 7.39
N LEU D 146 -26.05 12.44 7.33
CA LEU D 146 -26.88 11.25 7.08
C LEU D 146 -27.09 10.91 5.58
N PRO D 147 -27.54 9.66 5.22
CA PRO D 147 -27.69 9.32 3.79
C PRO D 147 -28.63 10.21 2.98
N GLY D 148 -28.26 10.45 1.73
CA GLY D 148 -29.02 11.23 0.75
C GLY D 148 -28.95 12.73 0.87
N VAL D 149 -28.28 13.25 1.93
CA VAL D 149 -28.15 14.68 2.21
C VAL D 149 -27.26 15.45 1.22
N THR D 150 -27.68 16.68 0.87
CA THR D 150 -26.95 17.62 0.01
C THR D 150 -26.70 18.92 0.84
N ILE D 151 -25.43 19.32 0.96
CA ILE D 151 -25.06 20.55 1.65
C ILE D 151 -24.61 21.51 0.57
N GLY D 152 -25.44 22.53 0.33
CA GLY D 152 -25.22 23.54 -0.69
C GLY D 152 -23.90 24.28 -0.55
N GLU D 153 -23.35 24.73 -1.68
CA GLU D 153 -22.09 25.45 -1.70
C GLU D 153 -22.14 26.75 -0.89
N GLY D 154 -21.04 27.06 -0.21
CA GLY D 154 -20.90 28.25 0.62
C GLY D 154 -21.51 28.14 2.00
N SER D 155 -22.01 26.94 2.37
CA SER D 155 -22.66 26.68 3.65
C SER D 155 -21.71 26.32 4.79
N VAL D 156 -22.16 26.60 6.02
CA VAL D 156 -21.41 26.34 7.24
C VAL D 156 -22.25 25.47 8.17
N ILE D 157 -21.69 24.32 8.58
CA ILE D 157 -22.34 23.39 9.51
C ILE D 157 -21.67 23.50 10.87
N GLY D 158 -22.44 23.91 11.88
CA GLY D 158 -21.97 24.08 13.26
C GLY D 158 -21.52 22.79 13.89
N ALA D 159 -20.63 22.86 14.90
CA ALA D 159 -20.11 21.68 15.59
C ALA D 159 -21.23 20.92 16.33
N GLY D 160 -21.18 19.57 16.28
CA GLY D 160 -22.17 18.72 16.92
C GLY D 160 -23.47 18.53 16.15
N SER D 161 -23.53 19.02 14.91
CA SER D 161 -24.75 18.90 14.09
C SER D 161 -24.96 17.48 13.55
N VAL D 162 -26.23 17.10 13.44
CA VAL D 162 -26.67 15.84 12.86
C VAL D 162 -27.52 16.28 11.66
N VAL D 163 -26.89 16.27 10.47
CA VAL D 163 -27.51 16.71 9.22
C VAL D 163 -28.41 15.61 8.65
N THR D 164 -29.71 15.70 8.96
CA THR D 164 -30.75 14.72 8.55
C THR D 164 -31.37 15.09 7.21
N LYS D 165 -31.38 16.38 6.87
CA LYS D 165 -32.02 16.91 5.66
C LYS D 165 -31.09 17.85 4.93
N ASP D 166 -31.36 18.07 3.62
CA ASP D 166 -30.61 18.96 2.74
C ASP D 166 -30.50 20.38 3.30
N ILE D 167 -29.34 20.99 3.13
CA ILE D 167 -29.11 22.35 3.56
C ILE D 167 -28.87 23.20 2.33
N PRO D 168 -29.59 24.31 2.19
CA PRO D 168 -29.48 25.12 0.97
C PRO D 168 -28.12 25.84 0.86
N PRO D 169 -27.75 26.38 -0.32
CA PRO D 169 -26.45 27.08 -0.43
C PRO D 169 -26.40 28.36 0.41
N HIS D 170 -25.16 28.82 0.73
CA HIS D 170 -24.85 30.04 1.48
C HIS D 170 -25.64 30.19 2.79
N SER D 171 -25.79 29.09 3.53
CA SER D 171 -26.55 29.05 4.78
C SER D 171 -25.72 28.59 5.98
N LEU D 172 -26.01 29.15 7.16
CA LEU D 172 -25.40 28.75 8.42
C LEU D 172 -26.43 27.81 9.07
N ALA D 173 -26.04 26.56 9.29
CA ALA D 173 -26.93 25.56 9.88
C ALA D 173 -26.28 24.85 11.08
N VAL D 174 -27.03 24.67 12.18
CA VAL D 174 -26.55 24.06 13.42
C VAL D 174 -27.68 23.20 14.09
N GLY D 175 -27.27 22.27 14.98
CA GLY D 175 -28.16 21.44 15.80
C GLY D 175 -28.35 19.98 15.44
N ASN D 176 -29.04 19.27 16.34
CA ASN D 176 -29.46 17.88 16.20
C ASN D 176 -31.00 17.88 16.38
N PRO D 177 -31.81 17.89 15.29
CA PRO D 177 -31.46 17.89 13.86
C PRO D 177 -30.93 19.24 13.38
N CYS D 178 -30.15 19.21 12.30
CA CYS D 178 -29.52 20.41 11.76
C CYS D 178 -30.51 21.33 11.06
N LYS D 179 -30.65 22.57 11.60
CA LYS D 179 -31.57 23.57 11.04
C LYS D 179 -30.84 24.86 10.71
N VAL D 180 -31.22 25.48 9.58
CA VAL D 180 -30.67 26.75 9.08
C VAL D 180 -30.99 27.87 10.10
N VAL D 181 -29.95 28.64 10.47
CA VAL D 181 -30.04 29.76 11.40
C VAL D 181 -30.25 31.05 10.58
N ARG D 182 -29.38 31.28 9.58
CA ARG D 182 -29.41 32.45 8.72
C ARG D 182 -28.58 32.26 7.47
N LYS D 183 -28.75 33.15 6.47
CA LYS D 183 -27.94 33.11 5.25
C LYS D 183 -26.55 33.74 5.52
N ILE D 184 -25.56 33.40 4.69
CA ILE D 184 -24.20 33.93 4.80
C ILE D 184 -23.93 34.88 3.64
N ASP D 185 -23.27 36.02 3.92
CA ASP D 185 -22.85 36.97 2.90
C ASP D 185 -21.47 36.46 2.42
N ASN D 186 -21.47 35.85 1.23
CA ASN D 186 -20.30 35.28 0.55
C ASN D 186 -19.81 36.13 -0.64
N ASP D 187 -20.12 37.43 -0.64
CA ASP D 187 -19.64 38.36 -1.68
C ASP D 187 -18.14 38.64 -1.47
N LEU D 188 -17.40 38.96 -2.57
CA LEU D 188 -15.96 39.23 -2.58
C LEU D 188 -15.46 40.24 -1.53
N MET E 1 4.34 41.73 13.05
CA MET E 1 3.97 40.51 13.77
C MET E 1 4.00 39.29 12.85
N THR E 2 4.56 38.16 13.35
CA THR E 2 4.55 36.90 12.60
C THR E 2 3.14 36.33 12.72
N GLU E 3 2.82 35.28 11.93
CA GLU E 3 1.51 34.62 12.00
C GLU E 3 1.32 33.91 13.37
N LYS E 4 2.43 33.44 14.02
CA LYS E 4 2.41 32.81 15.36
C LYS E 4 2.06 33.89 16.41
N GLU E 5 2.67 35.08 16.28
CA GLU E 5 2.43 36.23 17.16
C GLU E 5 0.99 36.72 17.08
N LYS E 6 0.39 36.71 15.87
CA LYS E 6 -1.01 37.08 15.63
C LYS E 6 -1.94 36.06 16.26
N MET E 7 -1.62 34.74 16.12
CA MET E 7 -2.36 33.61 16.70
C MET E 7 -2.48 33.77 18.22
N LEU E 8 -1.34 34.00 18.87
CA LEU E 8 -1.24 34.18 20.31
C LEU E 8 -1.90 35.48 20.81
N ALA E 9 -1.92 36.54 19.98
CA ALA E 9 -2.54 37.85 20.30
C ALA E 9 -4.06 37.84 20.04
N GLU E 10 -4.63 36.68 19.61
CA GLU E 10 -6.06 36.50 19.29
C GLU E 10 -6.53 37.37 18.09
N LYS E 11 -5.62 37.57 17.11
CA LYS E 11 -5.86 38.31 15.86
C LYS E 11 -6.04 37.26 14.73
N TRP E 12 -6.63 37.68 13.58
CA TRP E 12 -6.75 36.78 12.41
C TRP E 12 -5.35 36.47 11.88
N TYR E 13 -5.08 35.22 11.54
CA TYR E 13 -3.76 34.78 11.08
C TYR E 13 -3.89 33.62 10.10
N ASP E 14 -2.85 33.41 9.27
CA ASP E 14 -2.79 32.30 8.33
C ASP E 14 -2.32 31.03 9.06
N ALA E 15 -3.29 30.25 9.57
CA ALA E 15 -3.02 29.01 10.29
C ALA E 15 -2.60 27.91 9.34
N ASN E 16 -3.33 27.78 8.23
CA ASN E 16 -3.17 26.69 7.25
C ASN E 16 -1.94 26.79 6.36
N PHE E 17 -1.46 28.00 6.03
CA PHE E 17 -0.35 28.11 5.09
C PHE E 17 0.99 28.70 5.60
N ASP E 18 1.06 29.15 6.88
CA ASP E 18 2.32 29.66 7.44
C ASP E 18 3.23 28.48 7.76
N GLN E 19 4.43 28.46 7.15
CA GLN E 19 5.42 27.40 7.32
C GLN E 19 5.81 27.15 8.78
N THR E 20 6.04 28.23 9.56
CA THR E 20 6.40 28.11 10.99
C THR E 20 5.33 27.34 11.77
N LEU E 21 4.04 27.71 11.58
CA LEU E 21 2.91 27.07 12.26
C LEU E 21 2.69 25.63 11.80
N ILE E 22 2.82 25.36 10.47
CA ILE E 22 2.74 24.03 9.88
C ILE E 22 3.84 23.15 10.52
N ASN E 23 5.04 23.71 10.71
CA ASN E 23 6.18 23.01 11.32
C ASN E 23 6.07 22.77 12.81
N GLU E 24 5.45 23.71 13.54
CA GLU E 24 5.22 23.56 14.98
C GLU E 24 4.11 22.51 15.21
N ARG E 25 3.14 22.43 14.29
CA ARG E 25 2.06 21.44 14.35
C ARG E 25 2.63 20.05 14.06
N LEU E 26 3.61 19.96 13.13
CA LEU E 26 4.29 18.72 12.77
C LEU E 26 4.96 18.08 14.00
N ARG E 27 5.67 18.90 14.82
CA ARG E 27 6.33 18.47 16.04
C ARG E 27 5.32 17.84 17.00
N ALA E 28 4.15 18.50 17.22
CA ALA E 28 3.12 17.94 18.09
C ALA E 28 2.57 16.64 17.51
N LYS E 29 2.35 16.56 16.19
CA LYS E 29 1.84 15.34 15.57
C LYS E 29 2.80 14.18 15.67
N VAL E 30 4.13 14.44 15.49
CA VAL E 30 5.21 13.46 15.60
C VAL E 30 5.23 12.88 17.04
N ILE E 31 5.12 13.75 18.08
CA ILE E 31 5.12 13.30 19.49
C ILE E 31 3.83 12.52 19.77
N CYS E 32 2.68 13.01 19.30
CA CYS E 32 1.37 12.31 19.43
C CYS E 32 1.42 10.94 18.72
N PHE E 33 2.07 10.85 17.55
CA PHE E 33 2.22 9.58 16.84
C PHE E 33 3.03 8.57 17.70
N ALA E 34 4.16 9.03 18.29
CA ALA E 34 4.99 8.19 19.14
C ALA E 34 4.16 7.73 20.35
N LEU E 35 3.40 8.63 21.00
CA LEU E 35 2.54 8.32 22.13
C LEU E 35 1.44 7.30 21.79
N ASN E 36 0.78 7.52 20.66
CA ASN E 36 -0.31 6.66 20.18
C ASN E 36 0.13 5.27 19.79
N HIS E 37 1.43 5.07 19.55
CA HIS E 37 2.02 3.78 19.16
C HIS E 37 2.92 3.23 20.23
N THR E 38 2.81 3.72 21.47
CA THR E 38 3.54 3.23 22.64
C THR E 38 2.59 2.29 23.39
N ASN E 39 3.05 1.05 23.66
CA ASN E 39 2.29 0.04 24.38
C ASN E 39 1.85 0.60 25.74
N PRO E 40 0.59 0.36 26.20
CA PRO E 40 0.15 0.88 27.53
C PRO E 40 1.05 0.48 28.71
N VAL E 41 1.77 -0.63 28.57
CA VAL E 41 2.69 -1.17 29.56
C VAL E 41 3.91 -0.23 29.75
N ALA E 42 4.32 0.51 28.69
CA ALA E 42 5.48 1.41 28.72
C ALA E 42 5.18 2.77 29.41
N THR E 43 4.98 2.67 30.73
CA THR E 43 4.63 3.76 31.66
C THR E 43 5.59 4.94 31.67
N MET E 44 6.92 4.66 31.78
CA MET E 44 7.98 5.68 31.82
CA MET E 44 7.93 5.72 31.82
C MET E 44 8.04 6.40 30.47
N MET E 45 7.97 5.65 29.36
CA MET E 45 8.02 6.18 28.01
C MET E 45 6.82 7.09 27.74
N ARG E 46 5.60 6.66 28.09
CA ARG E 46 4.37 7.50 27.97
C ARG E 46 4.50 8.82 28.71
N LYS E 47 5.08 8.79 29.94
CA LYS E 47 5.31 9.95 30.79
C LYS E 47 6.29 10.92 30.14
N VAL E 48 7.39 10.39 29.59
CA VAL E 48 8.40 11.16 28.88
C VAL E 48 7.75 11.87 27.68
N LEU E 49 6.94 11.13 26.89
CA LEU E 49 6.28 11.68 25.69
C LEU E 49 5.25 12.76 26.02
N ILE E 50 4.41 12.51 27.04
CA ILE E 50 3.38 13.44 27.52
C ILE E 50 4.08 14.73 27.96
N ASP E 51 5.20 14.61 28.71
CA ASP E 51 6.00 15.75 29.18
C ASP E 51 6.70 16.51 28.05
N ALA E 52 7.19 15.81 27.02
CA ALA E 52 7.81 16.44 25.84
C ALA E 52 6.73 17.22 25.04
N LEU E 53 5.52 16.63 24.93
CA LEU E 53 4.38 17.20 24.23
C LEU E 53 3.91 18.54 24.82
N PHE E 54 3.63 18.54 26.14
CA PHE E 54 3.16 19.71 26.85
C PHE E 54 4.26 20.67 27.26
N GLN E 55 5.54 20.24 27.08
CA GLN E 55 6.77 20.98 27.45
C GLN E 55 6.70 21.36 28.93
N THR E 56 6.37 20.38 29.80
CA THR E 56 6.24 20.57 31.25
C THR E 56 6.32 19.22 31.93
N THR E 57 6.65 19.19 33.22
CA THR E 57 6.65 17.96 34.01
C THR E 57 5.24 17.84 34.56
N THR E 58 4.43 16.92 34.02
CA THR E 58 3.05 16.72 34.46
C THR E 58 3.00 16.07 35.85
N ASP E 59 1.94 16.37 36.60
CA ASP E 59 1.68 15.83 37.93
C ASP E 59 0.35 15.09 37.87
N ASN E 60 0.43 13.75 37.66
CA ASN E 60 -0.71 12.85 37.57
C ASN E 60 -1.70 13.24 36.44
N VAL E 61 -1.18 13.43 35.22
CA VAL E 61 -1.98 13.72 34.04
C VAL E 61 -2.06 12.37 33.29
N SER E 62 -3.22 11.68 33.36
CA SER E 62 -3.39 10.39 32.70
C SER E 62 -4.07 10.62 31.36
N ILE E 63 -3.45 10.11 30.29
CA ILE E 63 -3.99 10.21 28.96
C ILE E 63 -4.13 8.80 28.37
N SER E 64 -5.38 8.42 28.04
CA SER E 64 -5.73 7.17 27.38
C SER E 64 -5.59 7.41 25.87
N ILE E 65 -4.80 6.60 25.18
CA ILE E 65 -4.57 6.73 23.75
C ILE E 65 -5.80 6.32 22.88
N PRO E 66 -6.02 6.92 21.67
CA PRO E 66 -5.24 7.98 21.05
C PRO E 66 -5.52 9.35 21.62
N PHE E 67 -4.52 10.21 21.56
CA PHE E 67 -4.63 11.61 21.98
C PHE E 67 -4.18 12.50 20.82
N ASP E 68 -4.80 13.66 20.67
CA ASP E 68 -4.41 14.60 19.65
C ASP E 68 -4.37 16.02 20.22
N THR E 69 -3.42 16.79 19.68
CA THR E 69 -3.20 18.19 20.00
C THR E 69 -2.54 18.85 18.82
N ASP E 70 -2.75 20.16 18.66
CA ASP E 70 -2.15 20.91 17.58
C ASP E 70 -0.73 21.39 17.88
N TYR E 71 -0.48 21.96 19.08
CA TYR E 71 0.83 22.50 19.47
C TYR E 71 1.43 21.82 20.70
N GLY E 72 0.57 21.38 21.62
CA GLY E 72 0.95 20.78 22.90
C GLY E 72 1.35 21.83 23.94
N TRP E 73 2.31 22.72 23.59
CA TRP E 73 2.83 23.76 24.48
C TRP E 73 1.79 24.84 24.84
N ASN E 74 0.66 24.87 24.12
CA ASN E 74 -0.42 25.82 24.38
C ASN E 74 -1.55 25.19 25.19
N VAL E 75 -1.29 24.03 25.80
CA VAL E 75 -2.20 23.36 26.74
C VAL E 75 -1.55 23.56 28.12
N LYS E 76 -2.20 24.34 28.99
CA LYS E 76 -1.70 24.58 30.33
C LYS E 76 -2.49 23.67 31.27
N LEU E 77 -1.78 22.75 31.94
CA LEU E 77 -2.40 21.73 32.80
C LEU E 77 -2.15 21.91 34.28
N GLY E 78 -3.15 21.51 35.07
CA GLY E 78 -3.04 21.46 36.52
C GLY E 78 -2.66 20.05 36.89
N LYS E 79 -2.69 19.71 38.19
CA LYS E 79 -2.39 18.34 38.61
C LYS E 79 -3.68 17.52 38.55
N ASN E 80 -3.57 16.18 38.46
CA ASN E 80 -4.71 15.25 38.45
C ASN E 80 -5.72 15.50 37.34
N VAL E 81 -5.29 15.34 36.06
CA VAL E 81 -6.15 15.54 34.90
C VAL E 81 -6.28 14.16 34.22
N TYR E 82 -7.51 13.66 34.17
CA TYR E 82 -7.83 12.34 33.66
C TYR E 82 -8.52 12.45 32.32
N VAL E 83 -7.79 12.10 31.25
CA VAL E 83 -8.23 12.20 29.88
C VAL E 83 -8.48 10.82 29.28
N ASN E 84 -9.75 10.50 29.00
CA ASN E 84 -10.08 9.22 28.39
C ASN E 84 -9.75 9.18 26.88
N THR E 85 -10.03 8.04 26.25
CA THR E 85 -9.72 7.73 24.85
C THR E 85 -10.26 8.70 23.82
N ASN E 86 -9.48 8.94 22.78
CA ASN E 86 -9.84 9.78 21.67
C ASN E 86 -10.21 11.25 22.00
N CYS E 87 -9.32 11.97 22.72
CA CYS E 87 -9.55 13.40 22.97
C CYS E 87 -8.63 14.26 22.12
N TYR E 88 -9.08 15.45 21.80
CA TYR E 88 -8.37 16.40 20.95
C TYR E 88 -8.43 17.78 21.56
N PHE E 89 -7.25 18.30 21.91
CA PHE E 89 -7.06 19.64 22.43
C PHE E 89 -6.52 20.51 21.28
N MET E 90 -7.43 21.10 20.46
CA MET E 90 -7.09 21.97 19.33
C MET E 90 -6.69 23.32 19.95
N ASP E 91 -5.38 23.46 20.24
CA ASP E 91 -4.79 24.56 21.05
C ASP E 91 -4.11 25.77 20.39
N GLY E 92 -4.58 26.22 19.24
CA GLY E 92 -4.09 27.46 18.64
C GLY E 92 -4.33 28.59 19.62
N GLY E 93 -5.50 28.53 20.25
CA GLY E 93 -5.88 29.38 21.38
C GLY E 93 -5.54 28.57 22.63
N GLN E 94 -4.89 29.18 23.61
CA GLN E 94 -4.52 28.50 24.85
C GLN E 94 -5.68 27.73 25.48
N ILE E 95 -5.44 26.48 25.89
CA ILE E 95 -6.41 25.64 26.60
C ILE E 95 -5.89 25.53 28.03
N THR E 96 -6.54 26.22 28.98
CA THR E 96 -6.16 26.18 30.40
C THR E 96 -7.04 25.18 31.12
N ILE E 97 -6.42 24.19 31.74
CA ILE E 97 -7.12 23.14 32.49
C ILE E 97 -6.63 23.21 33.93
N GLY E 98 -7.56 23.31 34.87
CA GLY E 98 -7.24 23.38 36.29
C GLY E 98 -6.83 22.02 36.85
N ASP E 99 -6.90 21.91 38.18
CA ASP E 99 -6.60 20.69 38.92
C ASP E 99 -7.86 19.85 39.08
N ASN E 100 -7.68 18.51 39.13
CA ASN E 100 -8.77 17.55 39.36
C ASN E 100 -9.88 17.67 38.33
N VAL E 101 -9.54 17.31 37.07
CA VAL E 101 -10.43 17.41 35.92
C VAL E 101 -10.60 16.04 35.25
N PHE E 102 -11.85 15.61 35.11
CA PHE E 102 -12.22 14.32 34.52
C PHE E 102 -12.81 14.61 33.15
N ILE E 103 -12.07 14.18 32.09
CA ILE E 103 -12.47 14.37 30.70
C ILE E 103 -12.79 12.99 30.13
N GLY E 104 -14.05 12.81 29.77
CA GLY E 104 -14.54 11.57 29.21
C GLY E 104 -14.02 11.28 27.82
N PRO E 105 -14.37 10.12 27.26
CA PRO E 105 -13.85 9.76 25.92
C PRO E 105 -14.48 10.55 24.80
N ASN E 106 -13.78 10.68 23.65
CA ASN E 106 -14.33 11.35 22.44
C ASN E 106 -14.74 12.82 22.70
N CYS E 107 -13.93 13.55 23.46
CA CYS E 107 -14.15 14.96 23.76
C CYS E 107 -13.23 15.81 22.90
N GLY E 108 -13.73 16.95 22.45
CA GLY E 108 -12.97 17.89 21.64
C GLY E 108 -13.02 19.27 22.22
N PHE E 109 -11.85 19.89 22.40
CA PHE E 109 -11.75 21.26 22.92
C PHE E 109 -11.21 22.07 21.76
N TYR E 110 -12.10 22.76 21.06
CA TYR E 110 -11.81 23.48 19.82
C TYR E 110 -11.68 24.98 19.98
N THR E 111 -10.52 25.55 19.63
CA THR E 111 -10.26 26.98 19.79
C THR E 111 -10.23 27.70 18.46
N ALA E 112 -10.39 26.97 17.34
CA ALA E 112 -10.31 27.57 16.01
C ALA E 112 -11.64 28.02 15.45
N THR E 113 -11.67 29.28 15.04
CA THR E 113 -12.78 29.89 14.36
C THR E 113 -12.29 30.23 12.96
N HIS E 114 -13.05 29.84 11.95
CA HIS E 114 -12.77 30.17 10.55
C HIS E 114 -13.72 31.30 10.17
N PRO E 115 -13.40 32.17 9.19
CA PRO E 115 -14.41 33.17 8.76
C PRO E 115 -15.63 32.50 8.12
N LEU E 116 -16.81 33.14 8.21
CA LEU E 116 -18.04 32.62 7.61
C LEU E 116 -18.01 32.80 6.10
N ASN E 117 -17.37 33.88 5.64
CA ASN E 117 -17.20 34.22 4.22
C ASN E 117 -16.15 33.29 3.65
N PHE E 118 -16.51 32.54 2.58
CA PHE E 118 -15.59 31.56 2.00
C PHE E 118 -14.33 32.14 1.37
N HIS E 119 -14.37 33.41 0.91
CA HIS E 119 -13.21 34.08 0.31
C HIS E 119 -12.05 34.21 1.28
N HIS E 120 -12.35 34.68 2.52
CA HIS E 120 -11.36 34.82 3.60
C HIS E 120 -10.94 33.48 4.15
N ARG E 121 -11.89 32.52 4.27
CA ARG E 121 -11.63 31.18 4.79
C ARG E 121 -10.72 30.38 3.86
N ASN E 122 -10.96 30.44 2.53
CA ASN E 122 -10.16 29.72 1.54
C ASN E 122 -8.69 30.21 1.48
N GLU E 123 -8.44 31.44 2.03
CA GLU E 123 -7.11 32.06 2.11
C GLU E 123 -6.28 31.48 3.28
N GLY E 124 -6.94 30.70 4.15
CA GLY E 124 -6.32 30.02 5.30
C GLY E 124 -6.45 30.70 6.63
N PHE E 125 -7.16 31.83 6.68
CA PHE E 125 -7.35 32.62 7.90
C PHE E 125 -8.16 31.95 9.01
N GLU E 126 -7.72 32.17 10.23
CA GLU E 126 -8.34 31.68 11.47
C GLU E 126 -8.16 32.67 12.60
N LYS E 127 -9.02 32.60 13.62
CA LYS E 127 -8.89 33.39 14.84
C LYS E 127 -8.98 32.38 16.01
N ALA E 128 -7.98 32.43 16.89
CA ALA E 128 -7.89 31.51 18.03
C ALA E 128 -8.66 32.05 19.25
N GLY E 129 -9.58 31.24 19.76
CA GLY E 129 -10.43 31.56 20.92
C GLY E 129 -10.08 30.69 22.10
N PRO E 130 -9.25 31.20 23.06
CA PRO E 130 -8.83 30.37 24.21
C PRO E 130 -9.97 29.77 25.03
N ILE E 131 -9.73 28.53 25.55
CA ILE E 131 -10.71 27.81 26.38
C ILE E 131 -10.18 27.71 27.81
N HIS E 132 -11.04 28.03 28.80
CA HIS E 132 -10.70 27.94 30.22
C HIS E 132 -11.53 26.86 30.88
N ILE E 133 -10.87 25.78 31.31
CA ILE E 133 -11.53 24.69 32.03
C ILE E 133 -11.16 24.86 33.49
N GLY E 134 -12.14 25.19 34.32
CA GLY E 134 -11.94 25.36 35.75
C GLY E 134 -11.52 24.10 36.47
N SER E 135 -10.94 24.24 37.66
CA SER E 135 -10.54 23.11 38.49
C SER E 135 -11.79 22.38 38.99
N ASN E 136 -11.66 21.11 39.39
CA ASN E 136 -12.76 20.33 39.97
C ASN E 136 -14.00 20.15 39.06
N THR E 137 -13.75 19.93 37.75
CA THR E 137 -14.81 19.75 36.74
C THR E 137 -14.92 18.30 36.23
N TRP E 138 -16.07 17.93 35.65
CA TRP E 138 -16.29 16.60 35.09
C TRP E 138 -17.00 16.73 33.75
N PHE E 139 -16.40 16.14 32.69
CA PHE E 139 -16.93 16.11 31.33
C PHE E 139 -17.33 14.70 30.99
N GLY E 140 -18.58 14.51 30.55
CA GLY E 140 -19.03 13.21 30.08
C GLY E 140 -18.39 12.91 28.73
N GLY E 141 -18.60 11.73 28.17
CA GLY E 141 -18.04 11.42 26.86
C GLY E 141 -18.81 12.13 25.75
N HIS E 142 -18.22 12.19 24.53
CA HIS E 142 -18.84 12.80 23.33
C HIS E 142 -19.16 14.31 23.47
N VAL E 143 -18.38 15.03 24.30
CA VAL E 143 -18.56 16.48 24.53
C VAL E 143 -17.69 17.32 23.59
N ALA E 144 -18.23 18.38 23.01
CA ALA E 144 -17.47 19.32 22.18
C ALA E 144 -17.54 20.69 22.87
N VAL E 145 -16.37 21.27 23.18
CA VAL E 145 -16.27 22.61 23.77
C VAL E 145 -15.77 23.54 22.64
N LEU E 146 -16.54 24.61 22.38
CA LEU E 146 -16.34 25.58 21.29
C LEU E 146 -15.40 26.79 21.63
N PRO E 147 -14.86 27.54 20.62
CA PRO E 147 -13.90 28.62 20.94
C PRO E 147 -14.41 29.71 21.87
N GLY E 148 -13.51 30.19 22.73
CA GLY E 148 -13.77 31.27 23.70
C GLY E 148 -14.53 30.89 24.95
N VAL E 149 -15.02 29.64 25.05
CA VAL E 149 -15.82 29.14 26.19
C VAL E 149 -15.01 29.00 27.50
N THR E 150 -15.65 29.29 28.63
CA THR E 150 -15.14 29.16 30.00
C THR E 150 -16.12 28.26 30.79
N ILE E 151 -15.61 27.19 31.38
CA ILE E 151 -16.39 26.28 32.20
C ILE E 151 -15.90 26.51 33.63
N GLY E 152 -16.76 27.12 34.43
CA GLY E 152 -16.47 27.46 35.81
C GLY E 152 -16.10 26.27 36.68
N GLU E 153 -15.28 26.51 37.70
CA GLU E 153 -14.83 25.47 38.62
C GLU E 153 -15.99 24.80 39.38
N GLY E 154 -15.87 23.49 39.58
CA GLY E 154 -16.88 22.69 40.26
C GLY E 154 -18.05 22.23 39.39
N SER E 155 -18.00 22.56 38.09
CA SER E 155 -19.07 22.25 37.13
C SER E 155 -19.02 20.86 36.50
N VAL E 156 -20.19 20.34 36.07
CA VAL E 156 -20.35 19.04 35.45
C VAL E 156 -21.03 19.19 34.10
N ILE E 157 -20.38 18.67 33.03
CA ILE E 157 -20.92 18.72 31.67
C ILE E 157 -21.39 17.33 31.28
N GLY E 158 -22.69 17.20 31.00
CA GLY E 158 -23.31 15.95 30.60
C GLY E 158 -22.78 15.40 29.29
N ALA E 159 -22.90 14.08 29.08
CA ALA E 159 -22.43 13.43 27.85
C ALA E 159 -23.20 13.91 26.60
N GLY E 160 -22.48 14.14 25.50
CA GLY E 160 -23.06 14.61 24.24
C GLY E 160 -23.32 16.09 24.15
N SER E 161 -22.85 16.87 25.14
CA SER E 161 -23.04 18.32 25.17
C SER E 161 -22.16 19.03 24.16
N VAL E 162 -22.71 20.11 23.59
CA VAL E 162 -22.01 21.00 22.67
C VAL E 162 -22.02 22.34 23.41
N VAL E 163 -20.88 22.64 24.06
CA VAL E 163 -20.72 23.84 24.88
C VAL E 163 -20.39 25.04 23.99
N THR E 164 -21.43 25.80 23.63
CA THR E 164 -21.36 26.98 22.76
C THR E 164 -21.09 28.26 23.56
N LYS E 165 -21.56 28.30 24.83
CA LYS E 165 -21.44 29.49 25.68
C LYS E 165 -20.89 29.11 27.06
N ASP E 166 -20.38 30.12 27.79
CA ASP E 166 -19.78 29.96 29.12
C ASP E 166 -20.72 29.29 30.12
N ILE E 167 -20.18 28.40 30.93
CA ILE E 167 -20.92 27.69 31.99
C ILE E 167 -20.45 28.27 33.33
N PRO E 168 -21.37 28.74 34.22
CA PRO E 168 -20.94 29.31 35.50
C PRO E 168 -20.37 28.26 36.46
N PRO E 169 -19.67 28.66 37.56
CA PRO E 169 -19.13 27.67 38.49
C PRO E 169 -20.21 26.89 39.24
N HIS E 170 -19.87 25.68 39.74
CA HIS E 170 -20.72 24.78 40.55
C HIS E 170 -22.10 24.51 39.91
N SER E 171 -22.12 24.28 38.58
CA SER E 171 -23.35 24.05 37.83
C SER E 171 -23.34 22.73 37.06
N LEU E 172 -24.53 22.10 36.94
CA LEU E 172 -24.75 20.89 36.16
C LEU E 172 -25.33 21.38 34.82
N ALA E 173 -24.60 21.16 33.71
CA ALA E 173 -25.05 21.59 32.38
C ALA E 173 -25.05 20.45 31.38
N VAL E 174 -26.12 20.36 30.55
CA VAL E 174 -26.29 19.31 29.55
C VAL E 174 -26.95 19.86 28.24
N GLY E 175 -26.80 19.12 27.14
CA GLY E 175 -27.45 19.40 25.86
C GLY E 175 -26.64 19.98 24.73
N ASN E 176 -27.29 20.05 23.55
CA ASN E 176 -26.78 20.67 22.33
C ASN E 176 -27.86 21.69 21.92
N PRO E 177 -27.72 23.00 22.25
CA PRO E 177 -26.59 23.66 22.97
C PRO E 177 -26.61 23.38 24.47
N CYS E 178 -25.44 23.47 25.10
CA CYS E 178 -25.30 23.17 26.52
C CYS E 178 -25.92 24.21 27.43
N LYS E 179 -26.94 23.81 28.21
CA LYS E 179 -27.66 24.69 29.14
C LYS E 179 -27.63 24.14 30.56
N VAL E 180 -27.47 25.03 31.55
CA VAL E 180 -27.45 24.73 32.99
C VAL E 180 -28.80 24.15 33.42
N VAL E 181 -28.76 23.02 34.14
CA VAL E 181 -29.94 22.31 34.66
C VAL E 181 -30.19 22.78 36.10
N ARG E 182 -29.16 22.72 36.95
CA ARG E 182 -29.22 23.13 38.35
C ARG E 182 -27.82 23.34 38.93
N LYS E 183 -27.73 23.98 40.11
CA LYS E 183 -26.47 24.18 40.80
C LYS E 183 -26.08 22.88 41.54
N ILE E 184 -24.78 22.74 41.85
CA ILE E 184 -24.23 21.58 42.53
C ILE E 184 -23.83 21.97 43.94
N ASP E 185 -24.13 21.11 44.93
CA ASP E 185 -23.72 21.31 46.31
C ASP E 185 -22.30 20.70 46.40
N ASN E 186 -21.29 21.59 46.45
CA ASN E 186 -19.87 21.23 46.50
C ASN E 186 -19.22 21.42 47.90
N ASP E 187 -20.04 21.40 48.97
CA ASP E 187 -19.56 21.47 50.36
C ASP E 187 -18.92 20.14 50.75
N LEU E 188 -17.93 20.20 51.67
CA LEU E 188 -17.12 19.08 52.17
C LEU E 188 -17.90 17.81 52.58
N MET F 1 -15.40 -6.36 51.49
CA MET F 1 -15.46 -6.36 50.04
C MET F 1 -14.28 -5.61 49.40
N THR F 2 -13.70 -6.17 48.32
CA THR F 2 -12.64 -5.50 47.56
C THR F 2 -13.33 -4.43 46.70
N GLU F 3 -12.54 -3.52 46.08
CA GLU F 3 -13.08 -2.49 45.19
C GLU F 3 -13.70 -3.11 43.92
N LYS F 4 -13.19 -4.29 43.46
CA LYS F 4 -13.73 -5.03 42.30
C LYS F 4 -15.10 -5.61 42.67
N GLU F 5 -15.23 -6.18 43.90
CA GLU F 5 -16.47 -6.75 44.44
C GLU F 5 -17.56 -5.69 44.58
N LYS F 6 -17.18 -4.45 45.02
CA LYS F 6 -18.08 -3.31 45.15
C LYS F 6 -18.56 -2.84 43.77
N MET F 7 -17.63 -2.79 42.77
CA MET F 7 -17.92 -2.42 41.38
C MET F 7 -19.00 -3.32 40.79
N LEU F 8 -18.80 -4.65 40.93
CA LEU F 8 -19.71 -5.67 40.44
C LEU F 8 -21.06 -5.70 41.17
N ALA F 9 -21.07 -5.33 42.48
CA ALA F 9 -22.28 -5.25 43.32
C ALA F 9 -23.07 -3.94 43.13
N GLU F 10 -22.61 -3.05 42.21
CA GLU F 10 -23.22 -1.75 41.91
C GLU F 10 -23.18 -0.75 43.09
N LYS F 11 -22.11 -0.84 43.91
CA LYS F 11 -21.83 0.03 45.06
C LYS F 11 -20.74 1.05 44.66
N TRP F 12 -20.60 2.16 45.41
CA TRP F 12 -19.53 3.15 45.16
C TRP F 12 -18.17 2.48 45.44
N TYR F 13 -17.20 2.69 44.55
CA TYR F 13 -15.88 2.05 44.66
C TYR F 13 -14.79 2.95 44.08
N ASP F 14 -13.53 2.73 44.51
CA ASP F 14 -12.39 3.47 44.01
C ASP F 14 -11.92 2.83 42.69
N ALA F 15 -12.45 3.36 41.58
CA ALA F 15 -12.13 2.87 40.24
C ALA F 15 -10.76 3.34 39.80
N ASN F 16 -10.46 4.62 40.04
CA ASN F 16 -9.24 5.29 39.60
C ASN F 16 -7.96 4.93 40.34
N PHE F 17 -8.04 4.60 41.64
CA PHE F 17 -6.83 4.33 42.42
C PHE F 17 -6.61 2.90 42.97
N ASP F 18 -7.58 1.97 42.79
CA ASP F 18 -7.38 0.58 43.24
C ASP F 18 -6.42 -0.14 42.26
N GLN F 19 -5.28 -0.66 42.78
CA GLN F 19 -4.26 -1.36 41.99
C GLN F 19 -4.80 -2.54 41.17
N THR F 20 -5.64 -3.39 41.78
CA THR F 20 -6.25 -4.55 41.10
C THR F 20 -7.03 -4.12 39.86
N LEU F 21 -7.90 -3.08 39.99
CA LEU F 21 -8.72 -2.57 38.90
C LEU F 21 -7.89 -1.87 37.83
N ILE F 22 -6.86 -1.08 38.24
CA ILE F 22 -5.90 -0.41 37.35
C ILE F 22 -5.18 -1.50 36.51
N ASN F 23 -4.83 -2.63 37.15
CA ASN F 23 -4.15 -3.75 36.49
C ASN F 23 -5.02 -4.57 35.58
N GLU F 24 -6.32 -4.74 35.93
CA GLU F 24 -7.27 -5.45 35.09
C GLU F 24 -7.61 -4.61 33.86
N ARG F 25 -7.59 -3.27 34.00
CA ARG F 25 -7.83 -2.34 32.89
C ARG F 25 -6.64 -2.36 31.95
N LEU F 26 -5.41 -2.49 32.49
CA LEU F 26 -4.16 -2.58 31.72
C LEU F 26 -4.19 -3.77 30.75
N ARG F 27 -4.65 -4.94 31.22
CA ARG F 27 -4.78 -6.17 30.44
C ARG F 27 -5.67 -5.92 29.24
N ALA F 28 -6.85 -5.31 29.46
CA ALA F 28 -7.77 -4.98 28.36
C ALA F 28 -7.12 -3.97 27.38
N LYS F 29 -6.38 -2.96 27.90
CA LYS F 29 -5.72 -1.99 27.02
C LYS F 29 -4.59 -2.62 26.19
N VAL F 30 -3.85 -3.58 26.76
CA VAL F 30 -2.78 -4.30 26.07
C VAL F 30 -3.36 -5.14 24.91
N ILE F 31 -4.48 -5.86 25.15
CA ILE F 31 -5.16 -6.68 24.13
C ILE F 31 -5.75 -5.78 23.04
N CYS F 32 -6.39 -4.67 23.44
CA CYS F 32 -6.94 -3.67 22.50
C CYS F 32 -5.81 -3.06 21.65
N PHE F 33 -4.64 -2.77 22.25
CA PHE F 33 -3.49 -2.24 21.52
C PHE F 33 -3.03 -3.23 20.45
N ALA F 34 -2.90 -4.53 20.81
CA ALA F 34 -2.52 -5.58 19.86
C ALA F 34 -3.53 -5.65 18.72
N LEU F 35 -4.84 -5.62 19.02
CA LEU F 35 -5.92 -5.66 18.03
C LEU F 35 -5.91 -4.47 17.09
N ASN F 36 -5.73 -3.26 17.67
CA ASN F 36 -5.70 -1.99 16.93
C ASN F 36 -4.52 -1.85 16.01
N HIS F 37 -3.45 -2.66 16.25
CA HIS F 37 -2.22 -2.66 15.43
C HIS F 37 -2.05 -3.95 14.64
N THR F 38 -3.14 -4.70 14.44
CA THR F 38 -3.17 -5.94 13.65
C THR F 38 -3.76 -5.56 12.27
N ASN F 39 -3.03 -5.89 11.20
CA ASN F 39 -3.45 -5.58 9.83
C ASN F 39 -4.85 -6.22 9.59
N PRO F 40 -5.79 -5.52 8.91
CA PRO F 40 -7.12 -6.13 8.63
C PRO F 40 -7.09 -7.47 7.91
N VAL F 41 -6.00 -7.75 7.18
CA VAL F 41 -5.78 -8.99 6.44
C VAL F 41 -5.60 -10.19 7.42
N ALA F 42 -5.08 -9.95 8.66
CA ALA F 42 -4.82 -11.00 9.66
C ALA F 42 -6.08 -11.40 10.45
N THR F 43 -6.98 -12.07 9.72
CA THR F 43 -8.30 -12.55 10.15
C THR F 43 -8.30 -13.46 11.37
N MET F 44 -7.45 -14.50 11.37
CA MET F 44 -7.31 -15.47 12.45
C MET F 44 -6.78 -14.78 13.71
N MET F 45 -5.75 -13.92 13.56
CA MET F 45 -5.15 -13.19 14.66
C MET F 45 -6.18 -12.25 15.32
N ARG F 46 -6.98 -11.56 14.53
CA ARG F 46 -8.05 -10.67 15.02
C ARG F 46 -9.08 -11.44 15.83
N LYS F 47 -9.47 -12.62 15.35
CA LYS F 47 -10.42 -13.54 16.01
C LYS F 47 -9.88 -13.99 17.37
N VAL F 48 -8.59 -14.39 17.42
CA VAL F 48 -7.90 -14.81 18.63
C VAL F 48 -7.90 -13.65 19.65
N LEU F 49 -7.58 -12.41 19.21
CA LEU F 49 -7.52 -11.24 20.09
C LEU F 49 -8.85 -10.83 20.67
N ILE F 50 -9.88 -10.80 19.81
CA ILE F 50 -11.29 -10.51 20.17
C ILE F 50 -11.75 -11.51 21.23
N ASP F 51 -11.48 -12.81 21.01
CA ASP F 51 -11.80 -13.88 21.94
C ASP F 51 -11.03 -13.80 23.27
N ALA F 52 -9.74 -13.43 23.24
CA ALA F 52 -8.93 -13.24 24.45
C ALA F 52 -9.47 -12.03 25.27
N LEU F 53 -9.89 -10.96 24.57
CA LEU F 53 -10.44 -9.74 25.15
C LEU F 53 -11.75 -9.97 25.95
N PHE F 54 -12.74 -10.59 25.27
CA PHE F 54 -14.04 -10.88 25.87
C PHE F 54 -14.07 -12.15 26.74
N GLN F 55 -12.95 -12.91 26.72
CA GLN F 55 -12.78 -14.18 27.44
C GLN F 55 -13.89 -15.16 27.07
N THR F 56 -14.16 -15.29 25.76
CA THR F 56 -15.22 -16.15 25.21
C THR F 56 -14.93 -16.44 23.74
N THR F 57 -15.50 -17.51 23.18
CA THR F 57 -15.39 -17.81 21.76
C THR F 57 -16.57 -17.08 21.13
N THR F 58 -16.31 -16.00 20.39
CA THR F 58 -17.35 -15.21 19.74
C THR F 58 -17.93 -15.94 18.52
N ASP F 59 -19.22 -15.67 18.24
CA ASP F 59 -19.95 -16.22 17.10
C ASP F 59 -20.37 -15.05 16.21
N ASN F 60 -19.55 -14.79 15.15
CA ASN F 60 -19.75 -13.71 14.18
C ASN F 60 -19.86 -12.32 14.82
N VAL F 61 -18.86 -11.98 15.65
CA VAL F 61 -18.76 -10.65 16.27
C VAL F 61 -17.70 -9.90 15.44
N SER F 62 -18.14 -8.96 14.58
CA SER F 62 -17.22 -8.20 13.72
C SER F 62 -16.91 -6.89 14.39
N ILE F 63 -15.62 -6.59 14.50
CA ILE F 63 -15.15 -5.37 15.10
C ILE F 63 -14.23 -4.65 14.14
N SER F 64 -14.59 -3.41 13.79
CA SER F 64 -13.78 -2.53 12.95
C SER F 64 -12.87 -1.73 13.87
N ILE F 65 -11.57 -1.75 13.62
CA ILE F 65 -10.60 -1.03 14.46
C ILE F 65 -10.60 0.51 14.24
N PRO F 66 -10.29 1.34 15.27
CA PRO F 66 -9.95 0.98 16.65
C PRO F 66 -11.16 0.63 17.50
N PHE F 67 -10.92 -0.19 18.50
CA PHE F 67 -11.92 -0.60 19.48
C PHE F 67 -11.35 -0.34 20.88
N ASP F 68 -12.20 0.06 21.80
CA ASP F 68 -11.80 0.25 23.19
C ASP F 68 -12.79 -0.39 24.15
N THR F 69 -12.26 -0.91 25.25
CA THR F 69 -13.00 -1.49 26.36
C THR F 69 -12.18 -1.36 27.62
N ASP F 70 -12.85 -1.30 28.77
CA ASP F 70 -12.18 -1.18 30.07
C ASP F 70 -11.72 -2.51 30.63
N TYR F 71 -12.59 -3.56 30.62
CA TYR F 71 -12.28 -4.89 31.18
C TYR F 71 -12.35 -6.01 30.14
N GLY F 72 -13.29 -5.91 29.21
CA GLY F 72 -13.46 -6.90 28.15
C GLY F 72 -14.31 -8.08 28.58
N TRP F 73 -14.02 -8.63 29.78
CA TRP F 73 -14.74 -9.77 30.37
C TRP F 73 -16.15 -9.39 30.91
N ASN F 74 -16.41 -8.06 31.05
CA ASN F 74 -17.70 -7.57 31.51
C ASN F 74 -18.61 -7.12 30.35
N VAL F 75 -18.27 -7.54 29.11
CA VAL F 75 -19.08 -7.34 27.92
C VAL F 75 -19.64 -8.74 27.58
N LYS F 76 -20.97 -8.90 27.70
CA LYS F 76 -21.63 -10.17 27.40
C LYS F 76 -22.26 -10.04 26.02
N LEU F 77 -21.79 -10.86 25.07
CA LEU F 77 -22.18 -10.78 23.66
C LEU F 77 -23.04 -11.92 23.17
N GLY F 78 -23.93 -11.62 22.23
CA GLY F 78 -24.75 -12.61 21.53
C GLY F 78 -24.06 -12.91 20.22
N LYS F 79 -24.70 -13.67 19.33
CA LYS F 79 -24.12 -13.95 18.02
C LYS F 79 -24.49 -12.82 17.06
N ASN F 80 -23.71 -12.64 15.97
CA ASN F 80 -23.95 -11.63 14.94
C ASN F 80 -23.99 -10.17 15.47
N VAL F 81 -22.87 -9.68 16.00
CA VAL F 81 -22.77 -8.32 16.52
C VAL F 81 -21.78 -7.57 15.61
N TYR F 82 -22.27 -6.53 14.96
CA TYR F 82 -21.50 -5.76 13.99
C TYR F 82 -21.16 -4.40 14.55
N VAL F 83 -19.87 -4.22 14.91
CA VAL F 83 -19.34 -3.03 15.54
C VAL F 83 -18.46 -2.27 14.59
N ASN F 84 -18.89 -1.05 14.21
CA ASN F 84 -18.08 -0.22 13.31
C ASN F 84 -16.93 0.49 14.05
N THR F 85 -16.14 1.29 13.31
CA THR F 85 -14.94 2.00 13.75
C THR F 85 -15.12 2.90 14.97
N ASN F 86 -14.11 2.92 15.84
CA ASN F 86 -14.05 3.77 17.02
C ASN F 86 -15.19 3.61 18.05
N CYS F 87 -15.48 2.37 18.47
CA CYS F 87 -16.45 2.17 19.52
C CYS F 87 -15.76 1.90 20.85
N TYR F 88 -16.42 2.28 21.93
CA TYR F 88 -15.91 2.14 23.29
C TYR F 88 -16.99 1.55 24.19
N PHE F 89 -16.72 0.34 24.70
CA PHE F 89 -17.60 -0.34 25.66
C PHE F 89 -16.97 -0.16 27.06
N MET F 90 -17.31 0.95 27.74
CA MET F 90 -16.81 1.27 29.09
C MET F 90 -17.61 0.37 30.04
N ASP F 91 -17.08 -0.83 30.30
CA ASP F 91 -17.73 -1.94 31.00
C ASP F 91 -17.47 -2.22 32.50
N GLY F 92 -17.27 -1.18 33.32
CA GLY F 92 -17.20 -1.35 34.78
C GLY F 92 -18.50 -1.98 35.26
N GLY F 93 -19.61 -1.52 34.67
CA GLY F 93 -20.94 -2.08 34.81
C GLY F 93 -21.14 -2.99 33.60
N GLN F 94 -21.62 -4.22 33.81
CA GLN F 94 -21.81 -5.18 32.73
C GLN F 94 -22.57 -4.59 31.52
N ILE F 95 -22.06 -4.84 30.31
CA ILE F 95 -22.70 -4.42 29.06
C ILE F 95 -23.22 -5.70 28.39
N THR F 96 -24.56 -5.90 28.41
CA THR F 96 -25.18 -7.08 27.81
C THR F 96 -25.69 -6.73 26.41
N ILE F 97 -25.20 -7.43 25.39
CA ILE F 97 -25.59 -7.22 24.00
C ILE F 97 -26.21 -8.52 23.48
N GLY F 98 -27.41 -8.39 22.92
CA GLY F 98 -28.13 -9.54 22.37
C GLY F 98 -27.57 -10.02 21.04
N ASP F 99 -28.40 -10.79 20.31
CA ASP F 99 -28.07 -11.32 18.99
C ASP F 99 -28.53 -10.34 17.92
N ASN F 100 -27.81 -10.30 16.78
CA ASN F 100 -28.15 -9.46 15.63
C ASN F 100 -28.24 -7.98 15.98
N VAL F 101 -27.09 -7.40 16.34
CA VAL F 101 -26.97 -6.00 16.76
C VAL F 101 -26.00 -5.25 15.85
N PHE F 102 -26.49 -4.14 15.28
CA PHE F 102 -25.73 -3.28 14.38
C PHE F 102 -25.38 -2.01 15.13
N ILE F 103 -24.06 -1.83 15.41
CA ILE F 103 -23.54 -0.67 16.13
C ILE F 103 -22.70 0.13 15.15
N GLY F 104 -23.16 1.35 14.88
CA GLY F 104 -22.51 2.27 13.97
C GLY F 104 -21.17 2.79 14.49
N PRO F 105 -20.47 3.58 13.66
CA PRO F 105 -19.16 4.10 14.10
C PRO F 105 -19.26 5.18 15.17
N ASN F 106 -18.19 5.36 15.96
CA ASN F 106 -18.12 6.44 16.98
C ASN F 106 -19.22 6.35 18.05
N CYS F 107 -19.55 5.13 18.48
CA CYS F 107 -20.56 4.89 19.53
C CYS F 107 -19.85 4.60 20.84
N GLY F 108 -20.41 5.11 21.92
CA GLY F 108 -19.91 4.90 23.27
C GLY F 108 -20.98 4.35 24.18
N PHE F 109 -20.67 3.25 24.85
CA PHE F 109 -21.57 2.62 25.83
C PHE F 109 -20.89 2.83 27.17
N TYR F 110 -21.34 3.84 27.91
CA TYR F 110 -20.75 4.28 29.17
C TYR F 110 -21.51 3.83 30.40
N THR F 111 -20.85 3.08 31.31
CA THR F 111 -21.47 2.57 32.53
C THR F 111 -20.97 3.29 33.78
N ALA F 112 -20.05 4.23 33.62
CA ALA F 112 -19.47 4.92 34.77
C ALA F 112 -20.15 6.21 35.13
N THR F 113 -20.54 6.31 36.40
CA THR F 113 -21.10 7.49 36.99
C THR F 113 -20.09 7.96 38.04
N HIS F 114 -19.75 9.24 38.01
CA HIS F 114 -18.89 9.86 39.00
C HIS F 114 -19.80 10.67 39.95
N PRO F 115 -19.39 10.94 41.20
CA PRO F 115 -20.24 11.78 42.05
C PRO F 115 -20.29 13.23 41.50
N LEU F 116 -21.41 13.94 41.77
CA LEU F 116 -21.56 15.32 41.30
C LEU F 116 -20.70 16.25 42.14
N ASN F 117 -20.56 15.93 43.44
CA ASN F 117 -19.74 16.64 44.42
C ASN F 117 -18.27 16.35 44.10
N PHE F 118 -17.47 17.42 43.87
CA PHE F 118 -16.06 17.25 43.51
C PHE F 118 -15.18 16.61 44.59
N HIS F 119 -15.54 16.74 45.89
CA HIS F 119 -14.79 16.15 46.99
C HIS F 119 -14.74 14.62 46.91
N HIS F 120 -15.90 13.99 46.67
CA HIS F 120 -16.00 12.54 46.50
C HIS F 120 -15.41 12.07 45.17
N ARG F 121 -15.62 12.86 44.09
CA ARG F 121 -15.11 12.55 42.75
C ARG F 121 -13.59 12.58 42.68
N ASN F 122 -12.96 13.60 43.33
CA ASN F 122 -11.51 13.74 43.38
C ASN F 122 -10.81 12.60 44.12
N GLU F 123 -11.57 11.88 44.97
CA GLU F 123 -11.10 10.72 45.73
C GLU F 123 -11.02 9.43 44.86
N GLY F 124 -11.58 9.49 43.65
CA GLY F 124 -11.59 8.40 42.68
C GLY F 124 -12.83 7.53 42.63
N PHE F 125 -13.85 7.88 43.42
CA PHE F 125 -15.11 7.13 43.51
C PHE F 125 -15.97 7.13 42.24
N GLU F 126 -16.57 5.98 41.97
CA GLU F 126 -17.47 5.73 40.84
C GLU F 126 -18.53 4.70 41.22
N LYS F 127 -19.65 4.71 40.49
CA LYS F 127 -20.72 3.71 40.64
C LYS F 127 -21.00 3.19 39.23
N ALA F 128 -20.95 1.87 39.07
CA ALA F 128 -21.17 1.21 37.78
C ALA F 128 -22.67 0.95 37.53
N GLY F 129 -23.16 1.45 36.39
CA GLY F 129 -24.54 1.31 35.94
C GLY F 129 -24.64 0.42 34.71
N PRO F 130 -24.96 -0.89 34.88
CA PRO F 130 -25.03 -1.81 33.72
C PRO F 130 -25.94 -1.37 32.56
N ILE F 131 -25.53 -1.67 31.31
CA ILE F 131 -26.27 -1.36 30.09
C ILE F 131 -26.79 -2.65 29.46
N HIS F 132 -28.08 -2.68 29.08
CA HIS F 132 -28.70 -3.82 28.43
C HIS F 132 -29.12 -3.46 27.02
N ILE F 133 -28.45 -4.05 26.02
CA ILE F 133 -28.77 -3.82 24.61
C ILE F 133 -29.52 -5.05 24.14
N GLY F 134 -30.81 -4.89 23.84
CA GLY F 134 -31.65 -5.98 23.37
C GLY F 134 -31.24 -6.55 22.03
N SER F 135 -31.70 -7.77 21.72
CA SER F 135 -31.41 -8.42 20.44
C SER F 135 -32.14 -7.67 19.32
N ASN F 136 -31.69 -7.82 18.06
CA ASN F 136 -32.34 -7.24 16.88
C ASN F 136 -32.43 -5.69 16.90
N THR F 137 -31.39 -5.02 17.39
CA THR F 137 -31.33 -3.55 17.49
C THR F 137 -30.37 -2.92 16.45
N TRP F 138 -30.55 -1.62 16.17
CA TRP F 138 -29.69 -0.91 15.24
C TRP F 138 -29.35 0.46 15.80
N PHE F 139 -28.04 0.76 15.92
CA PHE F 139 -27.51 2.04 16.41
C PHE F 139 -26.86 2.76 15.25
N GLY F 140 -27.26 4.01 15.03
CA GLY F 140 -26.62 4.86 14.02
C GLY F 140 -25.24 5.27 14.54
N GLY F 141 -24.45 5.96 13.75
CA GLY F 141 -23.15 6.41 14.22
C GLY F 141 -23.28 7.58 15.18
N HIS F 142 -22.20 7.90 15.94
CA HIS F 142 -22.13 9.05 16.88
C HIS F 142 -23.15 8.97 18.06
N VAL F 143 -23.54 7.74 18.46
CA VAL F 143 -24.47 7.50 19.55
C VAL F 143 -23.75 7.31 20.89
N ALA F 144 -24.25 7.94 21.96
CA ALA F 144 -23.73 7.74 23.31
C ALA F 144 -24.85 7.14 24.17
N VAL F 145 -24.60 5.96 24.75
CA VAL F 145 -25.54 5.29 25.65
C VAL F 145 -24.99 5.47 27.09
N LEU F 146 -25.82 6.04 27.96
CA LEU F 146 -25.48 6.42 29.34
C LEU F 146 -25.68 5.31 30.40
N PRO F 147 -25.09 5.42 31.63
CA PRO F 147 -25.23 4.33 32.62
C PRO F 147 -26.66 3.97 33.02
N GLY F 148 -26.90 2.68 33.24
CA GLY F 148 -28.18 2.12 33.66
C GLY F 148 -29.27 1.96 32.59
N VAL F 149 -29.02 2.45 31.37
CA VAL F 149 -29.99 2.44 30.25
C VAL F 149 -30.21 1.04 29.65
N THR F 150 -31.48 0.71 29.31
CA THR F 150 -31.90 -0.52 28.65
C THR F 150 -32.55 -0.15 27.31
N ILE F 151 -32.06 -0.71 26.20
CA ILE F 151 -32.63 -0.50 24.87
C ILE F 151 -33.33 -1.80 24.50
N GLY F 152 -34.66 -1.76 24.48
CA GLY F 152 -35.52 -2.91 24.19
C GLY F 152 -35.25 -3.55 22.85
N GLU F 153 -35.52 -4.87 22.74
CA GLU F 153 -35.29 -5.61 21.52
C GLU F 153 -36.13 -5.10 20.34
N GLY F 154 -35.54 -5.11 19.15
CA GLY F 154 -36.19 -4.66 17.92
C GLY F 154 -36.17 -3.15 17.71
N SER F 155 -35.50 -2.41 18.62
CA SER F 155 -35.41 -0.95 18.58
C SER F 155 -34.32 -0.38 17.68
N VAL F 156 -34.53 0.85 17.20
CA VAL F 156 -33.60 1.56 16.32
C VAL F 156 -33.25 2.91 16.94
N ILE F 157 -31.94 3.16 17.13
CA ILE F 157 -31.44 4.41 17.68
C ILE F 157 -30.82 5.25 16.53
N GLY F 158 -31.40 6.43 16.29
CA GLY F 158 -30.92 7.35 15.26
C GLY F 158 -29.51 7.86 15.52
N ALA F 159 -28.80 8.27 14.45
CA ALA F 159 -27.42 8.78 14.56
C ALA F 159 -27.37 10.08 15.39
N GLY F 160 -26.36 10.20 16.25
CA GLY F 160 -26.18 11.38 17.10
C GLY F 160 -27.00 11.41 18.38
N SER F 161 -27.70 10.30 18.68
CA SER F 161 -28.53 10.21 19.88
C SER F 161 -27.70 10.07 21.15
N VAL F 162 -28.22 10.66 22.24
CA VAL F 162 -27.64 10.59 23.58
C VAL F 162 -28.75 9.91 24.39
N VAL F 163 -28.58 8.59 24.57
CA VAL F 163 -29.56 7.76 25.27
C VAL F 163 -29.40 7.88 26.79
N THR F 164 -30.18 8.78 27.39
CA THR F 164 -30.18 9.09 28.83
C THR F 164 -31.13 8.19 29.61
N LYS F 165 -32.22 7.75 28.96
CA LYS F 165 -33.25 6.92 29.60
C LYS F 165 -33.58 5.69 28.77
N ASP F 166 -34.20 4.68 29.41
CA ASP F 166 -34.59 3.40 28.80
C ASP F 166 -35.48 3.60 27.57
N ILE F 167 -35.23 2.80 26.53
CA ILE F 167 -36.00 2.82 25.28
C ILE F 167 -36.83 1.52 25.26
N PRO F 168 -38.17 1.60 25.06
CA PRO F 168 -38.98 0.37 25.04
C PRO F 168 -38.72 -0.50 23.80
N PRO F 169 -39.18 -1.77 23.78
CA PRO F 169 -38.93 -2.63 22.59
C PRO F 169 -39.68 -2.14 21.35
N HIS F 170 -39.19 -2.56 20.15
CA HIS F 170 -39.78 -2.26 18.83
C HIS F 170 -40.10 -0.77 18.61
N SER F 171 -39.17 0.11 19.04
CA SER F 171 -39.35 1.57 18.94
C SER F 171 -38.25 2.25 18.15
N LEU F 172 -38.59 3.31 17.42
CA LEU F 172 -37.65 4.15 16.70
C LEU F 172 -37.41 5.35 17.61
N ALA F 173 -36.17 5.55 18.06
CA ALA F 173 -35.82 6.65 18.96
C ALA F 173 -34.64 7.48 18.45
N VAL F 174 -34.74 8.81 18.52
CA VAL F 174 -33.72 9.76 18.05
C VAL F 174 -33.60 10.99 18.97
N GLY F 175 -32.46 11.70 18.89
CA GLY F 175 -32.21 12.95 19.59
C GLY F 175 -31.28 12.97 20.79
N ASN F 176 -30.99 14.19 21.26
CA ASN F 176 -30.22 14.49 22.46
C ASN F 176 -31.13 15.40 23.32
N PRO F 177 -31.88 14.86 24.32
CA PRO F 177 -31.94 13.46 24.78
C PRO F 177 -32.75 12.57 23.84
N CYS F 178 -32.45 11.27 23.86
CA CYS F 178 -33.10 10.30 22.98
C CYS F 178 -34.57 10.06 23.31
N LYS F 179 -35.47 10.39 22.38
CA LYS F 179 -36.91 10.21 22.55
C LYS F 179 -37.50 9.37 21.44
N VAL F 180 -38.46 8.49 21.80
CA VAL F 180 -39.21 7.61 20.89
C VAL F 180 -40.02 8.45 19.90
N VAL F 181 -39.89 8.15 18.60
CA VAL F 181 -40.59 8.82 17.50
C VAL F 181 -41.88 8.04 17.20
N ARG F 182 -41.74 6.70 16.98
CA ARG F 182 -42.86 5.81 16.66
C ARG F 182 -42.47 4.36 16.91
N LYS F 183 -43.46 3.46 16.93
CA LYS F 183 -43.21 2.02 17.06
C LYS F 183 -42.82 1.46 15.69
N ILE F 184 -42.14 0.31 15.67
CA ILE F 184 -41.68 -0.34 14.45
C ILE F 184 -42.50 -1.60 14.21
N ASP F 185 -42.88 -1.84 12.95
CA ASP F 185 -43.54 -3.07 12.53
C ASP F 185 -42.42 -4.07 12.23
N ASN F 186 -42.22 -5.02 13.17
CA ASN F 186 -41.18 -6.05 13.10
C ASN F 186 -41.75 -7.46 12.76
N ASP F 187 -42.96 -7.51 12.16
CA ASP F 187 -43.61 -8.75 11.73
C ASP F 187 -42.89 -9.33 10.50
N LEU F 188 -42.93 -10.67 10.35
CA LEU F 188 -42.30 -11.46 9.28
C LEU F 188 -42.50 -10.93 7.85
#